data_6XRM
#
_entry.id   6XRM
#
_cell.length_a   144.711
_cell.length_b   68.649
_cell.length_c   106.718
_cell.angle_alpha   90.000
_cell.angle_beta   95.380
_cell.angle_gamma   90.000
#
_symmetry.space_group_name_H-M   'C 1 2 1'
#
loop_
_entity.id
_entity.type
_entity.pdbx_description
1 polymer 'Phosphatidylinositol 4,5-bisphosphate 3-kinase catalytic subunit gamma isoform'
2 non-polymer 5-[2-amino-3-(1-methyl-1H-pyrazol-4-yl)pyrazolo[1,5-a]pyrimidin-5-yl]-2-[(1S)-1-cyclopropylethyl]-7-(trifluoromethyl)-2,3-dihydro-1H-isoindol-1-one
3 non-polymer 'SULFATE ION'
4 water water
#
_entity_poly.entity_id   1
_entity_poly.type   'polypeptide(L)'
_entity_poly.pdbx_seq_one_letter_code
;MSEESQAFQRQLTALIGYDVTDVSNVHDDELEFTRRGLVTPRMAEVASRDPKLYAMHPWVTSKPLPEYLWKKIANNCIFI
VIHRSTTSQTIKVSPDDTPGAILQSFFTKMAKKKSLMDIPESQSEQDFVLRVCGRDEYLVGETPIKNFQWVRHCLKNGEE
IHVVLDTPPDPALDEVRKEEWPLVDDCTGVTGYHEQLTIHGKDHESVFTVSLWDCDRKFRVKIRGIDIPVLPRNTDLTVF
VEANIQHGQQVLCQRRTSPKPFTEEVLWNVWLEFSIKIKDLPKGALLNLQIYCGKAPALSSKASAESPSSESKGKVQLLY
YVNLLLIDHRFLLRRGEYVLHMWQISGKGEDQGSFNADKLTSATNPDKENSMSISILLDNYCHPIALPKHQPTPDPEGDR
VRAEMPNQLRKQLEAIIATDPLNPLTAEDKELLWHFRYESLKHPKAYPKLFSSVKWGQQEIVAKTYQLLARREVWDQSAL
DVGLTMQLLDCNFSDENVRAIAVQKLESLEDDDVLHYLLQLVQAVKFEPYHDSALARFLLKRGLRNKRIGHFLFWFLRSE
IAQSRHYQQRFAVILEAYLRGCGTAMLHDFTQQVQVIEMLQKVTLDIKSLSAEKYDVSSQVISQLKQKLENLQNSQLPES
FRVPYDPGLKAGALAIEKCKVMASKKKPLWLEFKCADPTALSNETIGIIFKHGDDLRQDMLILQILRIMESIWETESLDL
CLLPYGCISTGDKIGMIEIVKDATTIAKIQQSTVGNTGAFKDEVLNHWLKEKSPTEEKFQAAVERFVYSCAGYCVATFVL
GIGDRHNDNIMITETGNLFHIDFGHILGNYKSFLGINKERVPFVLTPDFLFVMGTSGKKTSPHFQKFQDICVKAYLALRH
HTNLLIILFSMMLMTGMPQLTSKEDIEYIRDALTVGKNEEDAKKYFLDQIEVCRDKGWTVQFNWFLHLV
;
_entity_poly.pdbx_strand_id   A
#
loop_
_chem_comp.id
_chem_comp.type
_chem_comp.name
_chem_comp.formula
SO4 non-polymer 'SULFATE ION' 'O4 S -2'
V81 non-polymer 5-[2-amino-3-(1-methyl-1H-pyrazol-4-yl)pyrazolo[1,5-a]pyrimidin-5-yl]-2-[(1S)-1-cyclopropylethyl]-7-(trifluoromethyl)-2,3-dihydro-1H-isoindol-1-one 'C24 H22 F3 N7 O'
#
# COMPACT_ATOMS: atom_id res chain seq x y z
N SER A 2 21.45 30.21 -6.67
CA SER A 2 20.43 31.11 -7.33
C SER A 2 20.19 30.73 -8.80
N GLU A 3 21.26 30.73 -9.60
CA GLU A 3 21.20 30.37 -11.02
C GLU A 3 21.06 28.86 -11.20
N GLU A 4 21.99 28.12 -10.60
CA GLU A 4 21.96 26.64 -10.58
C GLU A 4 20.79 26.03 -9.76
N SER A 5 20.28 26.77 -8.78
CA SER A 5 19.11 26.34 -7.98
C SER A 5 17.80 26.22 -8.78
N GLN A 6 17.63 27.07 -9.78
CA GLN A 6 16.51 26.97 -10.75
C GLN A 6 16.55 25.69 -11.58
N ALA A 7 17.75 25.31 -12.03
CA ALA A 7 17.98 24.02 -12.72
C ALA A 7 17.77 22.81 -11.82
N PHE A 8 18.20 22.92 -10.55
CA PHE A 8 17.92 21.91 -9.51
C PHE A 8 16.43 21.82 -9.16
N GLN A 9 15.74 22.96 -9.12
CA GLN A 9 14.28 23.01 -8.93
C GLN A 9 13.52 22.39 -10.12
N ARG A 10 13.98 22.70 -11.33
CA ARG A 10 13.45 22.09 -12.57
C ARG A 10 13.76 20.58 -12.69
N GLN A 11 14.87 20.14 -12.11
CA GLN A 11 15.19 18.71 -11.96
C GLN A 11 14.22 17.97 -11.03
N LEU A 12 13.87 18.60 -9.91
CA LEU A 12 12.90 18.05 -8.94
C LEU A 12 11.49 17.89 -9.54
N THR A 13 11.01 18.94 -10.20
CA THR A 13 9.73 18.95 -10.96
C THR A 13 9.60 17.82 -12.00
N ALA A 14 10.71 17.47 -12.65
CA ALA A 14 10.76 16.34 -13.59
C ALA A 14 10.57 14.98 -12.89
N LEU A 15 11.25 14.79 -11.77
CA LEU A 15 11.12 13.58 -10.94
C LEU A 15 9.76 13.48 -10.24
N ILE A 16 9.30 14.59 -9.67
CA ILE A 16 8.00 14.67 -8.95
C ILE A 16 6.81 14.46 -9.91
N GLY A 17 6.88 15.04 -11.10
CA GLY A 17 5.75 15.11 -12.04
C GLY A 17 4.71 16.18 -11.70
N TYR A 18 5.12 17.21 -10.94
CA TYR A 18 4.24 18.31 -10.56
C TYR A 18 5.08 19.51 -10.08
N ASP A 19 4.70 20.72 -10.50
CA ASP A 19 5.40 21.96 -10.14
C ASP A 19 4.92 22.45 -8.77
N VAL A 20 5.71 22.13 -7.73
CA VAL A 20 5.47 22.63 -6.35
C VAL A 20 5.47 24.16 -6.19
N THR A 21 6.30 24.84 -6.97
CA THR A 21 6.36 26.33 -6.97
C THR A 21 5.10 27.01 -7.55
N ASP A 22 4.33 26.29 -8.38
CA ASP A 22 3.08 26.79 -8.95
C ASP A 22 2.02 27.10 -7.88
N VAL A 23 1.34 28.24 -8.04
CA VAL A 23 0.30 28.72 -7.11
C VAL A 23 -0.99 29.16 -7.86
N SER A 24 -1.36 28.40 -8.90
CA SER A 24 -2.58 28.65 -9.66
C SER A 24 -3.82 28.12 -8.93
N ASN A 25 -3.73 26.86 -8.46
CA ASN A 25 -4.82 26.16 -7.76
C ASN A 25 -4.63 26.20 -6.22
N VAL A 26 -4.65 27.41 -5.66
CA VAL A 26 -4.57 27.65 -4.21
C VAL A 26 -5.38 28.89 -3.79
N HIS A 27 -5.75 28.92 -2.51
CA HIS A 27 -6.35 30.10 -1.85
C HIS A 27 -5.63 30.51 -0.52
N ASP A 28 -4.45 29.95 -0.28
CA ASP A 28 -3.67 30.17 0.96
C ASP A 28 -2.24 29.63 0.80
N ASP A 29 -1.38 29.92 1.78
CA ASP A 29 0.04 29.53 1.74
C ASP A 29 0.39 28.27 2.58
N GLU A 30 -0.55 27.34 2.72
CA GLU A 30 -0.35 26.11 3.51
C GLU A 30 0.66 25.16 2.86
N LEU A 31 0.58 25.00 1.53
CA LEU A 31 1.53 24.18 0.77
C LEU A 31 2.97 24.70 0.86
N GLU A 32 3.13 26.02 0.69
CA GLU A 32 4.45 26.68 0.80
C GLU A 32 5.00 26.67 2.23
N PHE A 33 4.12 26.84 3.22
CA PHE A 33 4.47 26.67 4.65
C PHE A 33 4.92 25.24 4.98
N THR A 34 4.28 24.23 4.38
CA THR A 34 4.65 22.82 4.55
C THR A 34 6.02 22.48 3.96
N ARG A 35 6.35 23.08 2.81
CA ARG A 35 7.71 22.97 2.23
C ARG A 35 8.78 23.51 3.18
N ARG A 36 8.54 24.70 3.71
CA ARG A 36 9.38 25.33 4.74
C ARG A 36 9.42 24.55 6.06
N GLY A 37 8.27 24.01 6.47
CA GLY A 37 8.14 23.21 7.69
C GLY A 37 8.90 21.89 7.67
N LEU A 38 8.85 21.19 6.53
CA LEU A 38 9.58 19.92 6.32
C LEU A 38 11.12 20.05 6.12
N VAL A 39 11.68 21.27 6.18
CA VAL A 39 13.14 21.48 6.21
C VAL A 39 13.76 20.89 7.48
N THR A 40 13.13 21.15 8.64
CA THR A 40 13.63 20.72 9.96
C THR A 40 13.77 19.19 10.15
N PRO A 41 12.71 18.39 9.86
CA PRO A 41 12.87 16.92 9.95
C PRO A 41 13.84 16.29 8.92
N ARG A 42 13.93 16.87 7.73
CA ARG A 42 14.87 16.41 6.69
C ARG A 42 16.33 16.52 7.15
N MET A 43 16.76 17.74 7.44
CA MET A 43 18.16 18.03 7.80
C MET A 43 18.59 17.38 9.12
N ALA A 44 17.64 17.19 10.05
CA ALA A 44 17.86 16.40 11.26
C ALA A 44 18.14 14.93 10.94
N GLU A 45 17.28 14.36 10.08
CA GLU A 45 17.42 12.96 9.65
C GLU A 45 18.64 12.70 8.75
N VAL A 46 18.96 13.64 7.85
CA VAL A 46 20.19 13.59 7.03
C VAL A 46 21.45 13.65 7.91
N ALA A 47 21.44 14.55 8.90
CA ALA A 47 22.55 14.68 9.87
C ALA A 47 22.72 13.47 10.78
N SER A 48 21.60 12.91 11.26
CA SER A 48 21.62 11.75 12.18
C SER A 48 22.02 10.42 11.53
N ARG A 49 21.71 10.22 10.24
CA ARG A 49 21.95 8.94 9.55
C ARG A 49 23.45 8.62 9.36
N ASP A 50 23.79 7.34 9.47
CA ASP A 50 25.18 6.86 9.32
C ASP A 50 25.51 6.84 7.81
N PRO A 51 26.60 7.53 7.37
CA PRO A 51 26.96 7.52 5.93
C PRO A 51 27.27 6.14 5.32
N LYS A 52 27.94 5.26 6.06
CA LYS A 52 28.33 3.93 5.58
C LYS A 52 27.12 3.00 5.41
N LEU A 53 26.31 2.89 6.48
CA LEU A 53 25.09 2.06 6.47
C LEU A 53 23.98 2.55 5.53
N TYR A 54 23.94 3.86 5.25
CA TYR A 54 22.99 4.43 4.29
C TYR A 54 23.30 4.00 2.86
N ALA A 55 24.56 4.19 2.46
CA ALA A 55 25.05 3.80 1.13
C ALA A 55 24.90 2.30 0.81
N MET A 56 25.19 1.46 1.80
CA MET A 56 25.11 -0.01 1.67
C MET A 56 23.72 -0.61 1.93
N HIS A 57 22.89 0.07 2.73
CA HIS A 57 21.47 -0.28 3.02
C HIS A 57 21.19 -1.79 3.31
N PRO A 58 21.75 -2.33 4.42
CA PRO A 58 21.54 -3.75 4.74
C PRO A 58 20.10 -4.08 5.14
N TRP A 59 19.38 -4.77 4.25
CA TRP A 59 17.99 -5.16 4.45
C TRP A 59 17.93 -6.35 5.43
N VAL A 60 17.50 -6.07 6.66
CA VAL A 60 17.51 -7.03 7.78
C VAL A 60 16.18 -7.04 8.54
N THR A 61 16.00 -8.06 9.39
CA THR A 61 14.84 -8.19 10.29
C THR A 61 15.27 -8.77 11.65
N SER A 62 14.82 -8.13 12.73
CA SER A 62 14.96 -8.66 14.10
C SER A 62 13.90 -9.72 14.51
N LYS A 63 12.99 -10.08 13.60
CA LYS A 63 12.04 -11.20 13.82
C LYS A 63 12.73 -12.57 13.92
N PRO A 64 12.10 -13.56 14.58
CA PRO A 64 12.67 -14.90 14.63
C PRO A 64 12.56 -15.65 13.29
N LEU A 65 13.51 -16.55 13.04
CA LEU A 65 13.51 -17.41 11.86
C LEU A 65 12.44 -18.49 12.07
N PRO A 66 11.57 -18.74 11.07
CA PRO A 66 10.48 -19.72 11.29
C PRO A 66 10.94 -21.18 11.35
N GLU A 67 10.07 -22.05 11.86
CA GLU A 67 10.36 -23.48 12.08
C GLU A 67 10.71 -24.23 10.79
N TYR A 68 9.99 -23.93 9.71
CA TYR A 68 10.25 -24.50 8.38
C TYR A 68 11.60 -24.11 7.73
N LEU A 69 12.14 -22.93 8.07
CA LEU A 69 13.50 -22.50 7.62
C LEU A 69 14.66 -23.07 8.45
N TRP A 70 14.42 -23.38 9.74
CA TRP A 70 15.40 -24.14 10.56
C TRP A 70 15.62 -25.57 10.06
N LYS A 71 14.55 -26.22 9.59
CA LYS A 71 14.64 -27.56 8.98
C LYS A 71 15.39 -27.60 7.63
N LYS A 72 15.41 -26.49 6.90
CA LYS A 72 16.27 -26.33 5.71
C LYS A 72 17.78 -26.32 6.01
N ILE A 73 18.17 -25.87 7.21
CA ILE A 73 19.57 -25.86 7.66
C ILE A 73 19.96 -27.29 8.05
N ALA A 74 21.12 -27.74 7.56
CA ALA A 74 21.52 -29.16 7.64
C ALA A 74 22.00 -29.60 9.03
N ASN A 75 23.14 -29.05 9.47
CA ASN A 75 23.77 -29.40 10.75
C ASN A 75 24.32 -28.15 11.47
N ASN A 76 23.48 -27.12 11.54
CA ASN A 76 23.82 -25.78 12.07
C ASN A 76 25.02 -25.15 11.33
N CYS A 77 24.90 -25.12 10.00
CA CYS A 77 25.97 -24.66 9.10
C CYS A 77 25.42 -24.19 7.74
N ILE A 78 25.31 -22.87 7.58
CA ILE A 78 24.92 -22.24 6.32
C ILE A 78 26.13 -22.13 5.39
N PHE A 79 25.98 -22.64 4.16
CA PHE A 79 27.03 -22.58 3.13
C PHE A 79 26.95 -21.23 2.41
N ILE A 80 28.05 -20.47 2.44
CA ILE A 80 28.17 -19.16 1.78
C ILE A 80 29.43 -19.14 0.91
N VAL A 81 29.25 -18.90 -0.40
CA VAL A 81 30.33 -18.98 -1.39
C VAL A 81 30.85 -17.57 -1.72
N ILE A 82 32.11 -17.30 -1.39
CA ILE A 82 32.75 -15.99 -1.62
C ILE A 82 33.47 -16.05 -2.96
N HIS A 83 33.09 -15.14 -3.88
CA HIS A 83 33.66 -15.05 -5.24
C HIS A 83 34.62 -13.86 -5.35
N ARG A 84 35.67 -14.02 -6.17
CA ARG A 84 36.72 -12.99 -6.35
C ARG A 84 37.44 -13.17 -7.70
N SER A 85 36.89 -12.53 -8.74
CA SER A 85 37.49 -12.47 -10.09
C SER A 85 37.73 -13.86 -10.72
N THR A 86 36.62 -14.56 -10.98
CA THR A 86 36.60 -15.93 -11.51
C THR A 86 37.29 -17.00 -10.60
N THR A 87 37.22 -16.79 -9.27
CA THR A 87 37.69 -17.79 -8.27
C THR A 87 36.70 -17.80 -7.08
N SER A 88 36.09 -18.95 -6.81
CA SER A 88 35.06 -19.12 -5.77
C SER A 88 35.53 -20.09 -4.66
N GLN A 89 35.11 -19.81 -3.42
CA GLN A 89 35.42 -20.64 -2.24
C GLN A 89 34.26 -20.62 -1.25
N THR A 90 33.84 -21.81 -0.79
CA THR A 90 32.74 -21.98 0.18
C THR A 90 33.28 -21.97 1.61
N ILE A 91 32.49 -21.44 2.54
CA ILE A 91 32.84 -21.33 3.98
C ILE A 91 31.72 -22.00 4.82
N LYS A 92 32.14 -22.70 5.87
CA LYS A 92 31.22 -23.23 6.90
C LYS A 92 30.93 -22.13 7.93
N VAL A 93 29.74 -21.53 7.84
CA VAL A 93 29.31 -20.40 8.68
C VAL A 93 28.03 -20.80 9.41
N SER A 94 27.92 -20.46 10.70
CA SER A 94 26.72 -20.72 11.52
C SER A 94 25.70 -19.57 11.39
N PRO A 95 24.39 -19.82 11.71
CA PRO A 95 23.37 -18.76 11.67
C PRO A 95 23.61 -17.52 12.57
N ASP A 96 24.21 -17.72 13.74
CA ASP A 96 24.50 -16.63 14.68
C ASP A 96 25.70 -15.71 14.30
N ASP A 97 26.54 -16.13 13.35
CA ASP A 97 27.70 -15.33 12.92
C ASP A 97 27.30 -14.07 12.13
N THR A 98 28.07 -12.99 12.33
CA THR A 98 27.91 -11.72 11.61
C THR A 98 28.74 -11.70 10.30
N PRO A 99 28.53 -10.69 9.43
CA PRO A 99 29.45 -10.41 8.31
C PRO A 99 30.90 -10.14 8.71
N GLY A 100 31.11 -9.38 9.79
CA GLY A 100 32.45 -9.17 10.38
C GLY A 100 33.18 -10.43 10.79
N ALA A 101 32.43 -11.40 11.35
CA ALA A 101 32.97 -12.74 11.65
C ALA A 101 33.31 -13.55 10.39
N ILE A 102 32.47 -13.43 9.35
CA ILE A 102 32.70 -14.08 8.04
C ILE A 102 33.93 -13.50 7.33
N LEU A 103 34.10 -12.17 7.38
CA LEU A 103 35.29 -11.49 6.81
C LEU A 103 36.59 -11.95 7.47
N GLN A 104 36.60 -12.03 8.80
CA GLN A 104 37.74 -12.60 9.56
C GLN A 104 38.05 -14.06 9.20
N SER A 105 37.00 -14.87 9.02
CA SER A 105 37.12 -16.29 8.62
C SER A 105 37.74 -16.48 7.22
N PHE A 106 37.35 -15.63 6.27
CA PHE A 106 37.91 -15.63 4.90
C PHE A 106 39.36 -15.14 4.88
N PHE A 107 39.60 -13.97 5.49
CA PHE A 107 40.94 -13.36 5.55
C PHE A 107 41.99 -14.10 6.41
N THR A 108 41.57 -15.07 7.24
CA THR A 108 42.51 -16.01 7.88
C THR A 108 43.19 -16.89 6.83
N LYS A 109 42.38 -17.58 6.02
CA LYS A 109 42.87 -18.49 4.96
C LYS A 109 43.16 -17.73 3.66
N MET A 110 44.23 -16.92 3.70
CA MET A 110 44.67 -16.04 2.59
C MET A 110 43.60 -15.08 2.06
N GLU A 125 41.21 -6.15 4.23
CA GLU A 125 40.82 -6.73 5.52
C GLU A 125 39.69 -5.92 6.19
N GLN A 126 39.98 -4.65 6.45
CA GLN A 126 39.01 -3.69 7.01
C GLN A 126 38.18 -3.03 5.90
N ASP A 127 38.82 -2.73 4.76
CA ASP A 127 38.17 -2.05 3.61
C ASP A 127 37.66 -3.03 2.52
N PHE A 128 36.88 -4.02 2.95
CA PHE A 128 36.21 -5.00 2.08
C PHE A 128 34.85 -5.37 2.68
N VAL A 129 33.83 -5.51 1.82
CA VAL A 129 32.45 -5.82 2.24
C VAL A 129 31.83 -6.91 1.34
N LEU A 130 30.97 -7.73 1.95
CA LEU A 130 30.31 -8.86 1.28
C LEU A 130 29.03 -8.43 0.55
N ARG A 131 29.19 -8.11 -0.74
CA ARG A 131 28.07 -7.77 -1.64
C ARG A 131 27.49 -9.05 -2.26
N VAL A 132 26.18 -9.05 -2.50
CA VAL A 132 25.48 -10.20 -3.13
C VAL A 132 25.80 -10.24 -4.64
N CYS A 133 25.91 -11.46 -5.17
CA CYS A 133 26.19 -11.69 -6.60
C CYS A 133 24.99 -11.28 -7.47
N GLY A 134 25.19 -10.29 -8.33
CA GLY A 134 24.16 -9.80 -9.28
C GLY A 134 23.41 -8.57 -8.80
N ARG A 135 22.99 -8.60 -7.53
CA ARG A 135 22.20 -7.53 -6.91
C ARG A 135 23.11 -6.49 -6.24
N ASP A 136 22.52 -5.31 -6.00
CA ASP A 136 23.14 -4.25 -5.19
C ASP A 136 22.61 -4.39 -3.76
N GLU A 137 22.98 -5.50 -3.12
CA GLU A 137 22.51 -5.90 -1.79
C GLU A 137 23.73 -6.33 -0.98
N TYR A 138 23.88 -5.76 0.22
CA TYR A 138 25.11 -5.87 1.01
C TYR A 138 24.86 -6.61 2.32
N LEU A 139 25.53 -7.75 2.51
CA LEU A 139 25.61 -8.42 3.81
C LEU A 139 26.65 -7.67 4.67
N VAL A 140 26.16 -6.67 5.40
CA VAL A 140 27.00 -5.76 6.22
C VAL A 140 26.28 -5.26 7.47
N GLY A 141 27.05 -4.92 8.50
CA GLY A 141 26.53 -4.33 9.75
C GLY A 141 26.43 -5.35 10.87
N GLU A 142 26.27 -4.85 12.10
CA GLU A 142 26.24 -5.71 13.31
C GLU A 142 24.88 -6.44 13.42
N THR A 143 24.75 -7.50 12.61
CA THR A 143 23.54 -8.31 12.48
C THR A 143 23.96 -9.76 12.16
N PRO A 144 23.33 -10.79 12.79
CA PRO A 144 23.68 -12.18 12.41
C PRO A 144 23.19 -12.56 10.99
N ILE A 145 23.82 -13.59 10.42
CA ILE A 145 23.62 -13.96 9.00
C ILE A 145 22.19 -14.44 8.67
N LYS A 146 21.53 -15.12 9.63
CA LYS A 146 20.11 -15.53 9.49
C LYS A 146 19.11 -14.37 9.38
N ASN A 147 19.40 -13.26 10.08
CA ASN A 147 18.52 -12.07 10.09
C ASN A 147 18.47 -11.26 8.78
N PHE A 148 19.44 -11.46 7.87
CA PHE A 148 19.40 -10.82 6.54
C PHE A 148 18.30 -11.44 5.67
N GLN A 149 17.50 -10.59 5.03
CA GLN A 149 16.33 -11.03 4.22
C GLN A 149 16.71 -11.77 2.92
N TRP A 150 17.85 -11.42 2.33
CA TRP A 150 18.42 -12.19 1.19
C TRP A 150 18.81 -13.62 1.58
N VAL A 151 19.39 -13.78 2.76
CA VAL A 151 19.80 -15.11 3.29
C VAL A 151 18.55 -15.99 3.54
N ARG A 152 17.48 -15.39 4.05
CA ARG A 152 16.18 -16.07 4.23
C ARG A 152 15.49 -16.42 2.89
N HIS A 153 15.63 -15.54 1.88
CA HIS A 153 15.12 -15.80 0.52
C HIS A 153 15.81 -17.01 -0.15
N CYS A 154 17.14 -17.09 0.00
CA CYS A 154 17.93 -18.22 -0.52
C CYS A 154 17.55 -19.57 0.13
N LEU A 155 17.40 -19.58 1.45
CA LEU A 155 17.01 -20.77 2.20
C LEU A 155 15.55 -21.22 1.95
N LYS A 156 14.64 -20.26 1.76
CA LYS A 156 13.22 -20.55 1.45
C LYS A 156 13.05 -21.17 0.06
N ASN A 157 13.60 -20.50 -0.95
CA ASN A 157 13.53 -20.97 -2.34
C ASN A 157 14.44 -22.18 -2.66
N GLY A 158 15.41 -22.48 -1.79
CA GLY A 158 16.28 -23.65 -1.93
C GLY A 158 17.36 -23.41 -2.96
N GLU A 159 18.12 -22.34 -2.74
CA GLU A 159 19.19 -21.88 -3.63
C GLU A 159 20.45 -21.51 -2.84
N GLU A 160 21.59 -21.56 -3.53
CA GLU A 160 22.90 -21.29 -2.92
C GLU A 160 23.11 -19.78 -2.73
N ILE A 161 23.71 -19.41 -1.59
CA ILE A 161 23.98 -18.01 -1.23
C ILE A 161 25.33 -17.61 -1.87
N HIS A 162 25.25 -16.99 -3.04
CA HIS A 162 26.45 -16.56 -3.81
C HIS A 162 26.75 -15.08 -3.53
N VAL A 163 27.99 -14.82 -3.10
CA VAL A 163 28.44 -13.52 -2.57
C VAL A 163 29.74 -13.12 -3.27
N VAL A 164 29.88 -11.83 -3.62
CA VAL A 164 31.09 -11.26 -4.25
C VAL A 164 31.82 -10.34 -3.25
N LEU A 165 33.14 -10.51 -3.15
CA LEU A 165 34.00 -9.70 -2.27
C LEU A 165 34.49 -8.47 -3.04
N ASP A 166 34.22 -7.28 -2.50
CA ASP A 166 34.63 -6.02 -3.13
C ASP A 166 34.63 -4.83 -2.14
N THR A 167 35.20 -3.71 -2.60
CA THR A 167 35.25 -2.46 -1.82
C THR A 167 33.82 -1.88 -1.60
N PRO A 168 33.57 -1.20 -0.44
CA PRO A 168 32.24 -0.58 -0.26
C PRO A 168 31.98 0.65 -1.16
N PRO A 169 30.70 1.04 -1.33
CA PRO A 169 30.37 2.26 -2.09
C PRO A 169 30.69 3.52 -1.30
N ASP A 170 31.10 4.58 -2.01
CA ASP A 170 31.56 5.83 -1.39
C ASP A 170 30.34 6.63 -0.87
N PRO A 171 30.34 7.03 0.43
CA PRO A 171 29.27 7.92 0.93
C PRO A 171 29.19 9.33 0.30
N ALA A 172 30.29 9.82 -0.27
CA ALA A 172 30.29 11.07 -1.07
C ALA A 172 29.39 11.04 -2.32
N LEU A 173 29.10 9.84 -2.84
CA LEU A 173 28.07 9.66 -3.89
C LEU A 173 26.65 10.03 -3.41
N ASP A 174 26.36 9.78 -2.13
CA ASP A 174 25.09 10.16 -1.47
C ASP A 174 25.10 11.56 -0.82
N GLU A 175 25.87 12.51 -1.38
CA GLU A 175 25.95 13.87 -0.84
C GLU A 175 24.62 14.60 -1.06
N VAL A 176 24.23 15.40 -0.07
CA VAL A 176 23.02 16.21 -0.12
C VAL A 176 23.46 17.66 -0.37
N ARG A 177 22.73 18.35 -1.25
CA ARG A 177 23.02 19.74 -1.64
C ARG A 177 22.65 20.72 -0.53
N LYS A 178 23.30 21.89 -0.52
CA LYS A 178 22.95 23.01 0.37
C LYS A 178 21.58 23.56 -0.05
N GLU A 179 20.66 23.65 0.90
CA GLU A 179 19.30 24.12 0.65
C GLU A 179 19.19 25.61 0.97
N GLU A 180 18.65 26.38 0.01
CA GLU A 180 18.57 27.84 0.08
C GLU A 180 17.10 28.25 0.26
N TRP A 181 16.74 28.67 1.47
CA TRP A 181 15.38 29.11 1.83
C TRP A 181 15.39 30.57 2.26
N THR A 209 -2.65 26.99 23.61
CA THR A 209 -3.04 27.07 22.20
C THR A 209 -4.52 27.45 22.04
N VAL A 210 -4.78 28.57 21.34
CA VAL A 210 -6.14 29.07 21.09
C VAL A 210 -6.20 29.94 19.82
N SER A 211 -7.33 29.90 19.13
CA SER A 211 -7.52 30.63 17.87
C SER A 211 -7.74 32.13 18.09
N LEU A 212 -7.19 32.95 17.19
CA LEU A 212 -7.41 34.42 17.20
C LEU A 212 -8.80 34.78 16.70
N TRP A 213 -9.26 35.97 17.10
CA TRP A 213 -10.66 36.44 16.94
C TRP A 213 -11.66 35.46 17.59
N ASP A 214 -11.39 35.18 18.88
CA ASP A 214 -12.20 34.26 19.68
C ASP A 214 -13.39 35.03 20.26
N CYS A 215 -14.60 34.57 19.96
CA CYS A 215 -15.85 35.16 20.47
C CYS A 215 -16.89 34.08 20.79
N ASP A 216 -17.89 34.47 21.58
CA ASP A 216 -19.05 33.62 21.92
C ASP A 216 -20.20 33.68 20.88
N ARG A 217 -20.04 34.46 19.80
CA ARG A 217 -21.00 34.50 18.68
C ARG A 217 -21.09 33.16 17.94
N LYS A 218 -22.24 32.91 17.33
CA LYS A 218 -22.47 31.71 16.52
C LYS A 218 -21.77 31.84 15.17
N PHE A 219 -21.30 30.71 14.64
CA PHE A 219 -20.66 30.65 13.32
C PHE A 219 -21.70 30.80 12.20
N ARG A 220 -21.31 31.52 11.14
CA ARG A 220 -22.11 31.61 9.90
C ARG A 220 -21.23 31.75 8.66
N VAL A 221 -21.83 31.42 7.51
CA VAL A 221 -21.22 31.61 6.18
C VAL A 221 -22.29 32.15 5.21
N LYS A 222 -21.92 33.18 4.46
CA LYS A 222 -22.77 33.71 3.37
C LYS A 222 -22.47 32.88 2.12
N ILE A 223 -23.47 32.15 1.63
CA ILE A 223 -23.44 31.53 0.30
C ILE A 223 -23.90 32.61 -0.68
N ARG A 224 -22.95 33.14 -1.47
CA ARG A 224 -23.26 34.15 -2.50
C ARG A 224 -24.00 33.50 -3.66
N GLY A 225 -23.38 32.47 -4.24
CA GLY A 225 -23.97 31.74 -5.37
C GLY A 225 -23.04 30.70 -5.96
N ILE A 226 -23.39 30.27 -7.18
CA ILE A 226 -22.60 29.29 -7.95
C ILE A 226 -22.49 29.71 -9.42
N ASP A 227 -21.56 29.08 -10.14
CA ASP A 227 -21.27 29.42 -11.54
C ASP A 227 -20.70 28.21 -12.31
N ILE A 228 -21.18 28.03 -13.55
CA ILE A 228 -20.67 27.01 -14.49
C ILE A 228 -21.02 27.41 -15.94
N PRO A 229 -20.10 27.19 -16.93
CA PRO A 229 -20.48 27.50 -18.33
C PRO A 229 -21.45 26.47 -18.92
N VAL A 230 -21.06 25.20 -18.87
CA VAL A 230 -21.87 24.06 -19.36
C VAL A 230 -22.32 23.25 -18.15
N ASP A 236 -33.50 16.87 -13.34
CA ASP A 236 -32.52 17.72 -12.68
C ASP A 236 -32.70 19.21 -13.05
N LEU A 237 -33.76 19.79 -12.49
CA LEU A 237 -34.14 21.21 -12.71
C LEU A 237 -34.30 22.03 -11.41
N THR A 238 -33.70 21.56 -10.31
CA THR A 238 -33.65 22.29 -9.02
C THR A 238 -32.33 21.96 -8.30
N VAL A 239 -31.78 22.93 -7.58
CA VAL A 239 -30.54 22.75 -6.78
C VAL A 239 -30.54 23.54 -5.48
N PHE A 240 -29.70 23.10 -4.53
CA PHE A 240 -29.45 23.80 -3.27
C PHE A 240 -28.07 23.45 -2.68
N VAL A 241 -27.45 24.43 -2.02
CA VAL A 241 -26.14 24.25 -1.37
C VAL A 241 -26.38 23.71 0.04
N GLU A 242 -25.71 22.61 0.37
CA GLU A 242 -25.66 22.05 1.74
C GLU A 242 -24.30 22.38 2.36
N ALA A 243 -24.32 23.19 3.42
CA ALA A 243 -23.12 23.56 4.18
C ALA A 243 -23.02 22.72 5.46
N ASN A 244 -22.10 21.73 5.45
CA ASN A 244 -21.81 20.87 6.60
C ASN A 244 -20.56 21.35 7.33
N ILE A 245 -20.52 21.14 8.64
CA ILE A 245 -19.33 21.34 9.49
C ILE A 245 -18.87 19.95 9.94
N GLN A 246 -17.89 19.39 9.22
CA GLN A 246 -17.37 18.03 9.47
C GLN A 246 -16.10 18.03 10.32
N HIS A 247 -15.96 16.99 11.15
CA HIS A 247 -14.72 16.72 11.90
C HIS A 247 -14.55 15.19 12.05
N GLY A 248 -13.80 14.60 11.12
CA GLY A 248 -13.55 13.15 11.11
C GLY A 248 -14.75 12.35 10.64
N GLN A 249 -15.29 12.75 9.48
CA GLN A 249 -16.46 12.13 8.84
C GLN A 249 -17.73 12.09 9.74
N GLN A 250 -17.89 13.16 10.55
CA GLN A 250 -18.95 13.27 11.56
C GLN A 250 -19.54 14.68 11.47
N VAL A 251 -20.81 14.77 11.09
CA VAL A 251 -21.48 16.06 10.81
C VAL A 251 -21.89 16.68 12.16
N LEU A 252 -21.17 17.73 12.57
CA LEU A 252 -21.44 18.43 13.84
C LEU A 252 -22.69 19.32 13.72
N CYS A 253 -22.72 20.14 12.68
CA CYS A 253 -23.92 20.89 12.26
C CYS A 253 -24.08 20.89 10.74
N GLN A 254 -25.31 21.17 10.29
CA GLN A 254 -25.69 21.17 8.88
C GLN A 254 -26.74 22.26 8.63
N ARG A 255 -26.54 23.07 7.58
CA ARG A 255 -27.50 24.10 7.14
C ARG A 255 -27.60 24.11 5.61
N ARG A 256 -28.78 23.74 5.09
CA ARG A 256 -29.09 23.79 3.65
C ARG A 256 -29.67 25.14 3.24
N THR A 257 -29.44 25.54 1.99
CA THR A 257 -30.06 26.73 1.39
C THR A 257 -31.48 26.40 0.87
N SER A 258 -32.19 27.44 0.43
CA SER A 258 -33.49 27.27 -0.23
C SER A 258 -33.32 26.68 -1.64
N PRO A 259 -34.29 25.87 -2.12
CA PRO A 259 -34.17 25.25 -3.44
C PRO A 259 -34.52 26.22 -4.59
N LYS A 260 -33.53 26.58 -5.40
CA LYS A 260 -33.71 27.41 -6.62
C LYS A 260 -33.51 26.57 -7.90
N PRO A 261 -33.97 27.07 -9.08
CA PRO A 261 -33.80 26.30 -10.32
C PRO A 261 -32.35 26.19 -10.82
N PHE A 262 -32.05 25.09 -11.49
CA PHE A 262 -30.69 24.77 -11.96
C PHE A 262 -30.41 25.53 -13.27
N THR A 263 -29.96 26.77 -13.12
CA THR A 263 -29.49 27.64 -14.22
C THR A 263 -27.96 27.79 -14.17
N GLU A 264 -27.40 28.52 -15.15
CA GLU A 264 -25.95 28.70 -15.29
C GLU A 264 -25.30 29.46 -14.11
N GLU A 265 -25.97 30.52 -13.66
CA GLU A 265 -25.62 31.26 -12.45
C GLU A 265 -26.81 31.31 -11.49
N VAL A 266 -26.76 30.52 -10.42
CA VAL A 266 -27.73 30.58 -9.31
C VAL A 266 -27.09 31.38 -8.19
N LEU A 267 -27.71 32.52 -7.83
CA LEU A 267 -27.27 33.39 -6.73
C LEU A 267 -28.32 33.42 -5.63
N TRP A 268 -27.93 32.98 -4.42
CA TRP A 268 -28.80 32.99 -3.23
C TRP A 268 -28.59 34.28 -2.42
N ASN A 269 -27.33 34.53 -2.04
CA ASN A 269 -26.93 35.66 -1.19
C ASN A 269 -27.69 35.65 0.15
N VAL A 270 -27.28 34.71 1.01
CA VAL A 270 -27.96 34.44 2.28
C VAL A 270 -26.99 33.88 3.31
N TRP A 271 -27.06 34.40 4.55
CA TRP A 271 -26.29 33.88 5.67
C TRP A 271 -26.90 32.56 6.14
N LEU A 272 -26.13 31.49 6.06
CA LEU A 272 -26.47 30.20 6.69
C LEU A 272 -25.97 30.26 8.14
N GLU A 273 -26.84 30.73 9.03
CA GLU A 273 -26.53 30.85 10.46
C GLU A 273 -26.62 29.49 11.13
N PHE A 274 -25.47 28.96 11.57
CA PHE A 274 -25.40 27.72 12.35
C PHE A 274 -25.65 27.98 13.83
N SER A 275 -25.87 26.89 14.58
CA SER A 275 -26.06 26.91 16.04
C SER A 275 -24.84 26.29 16.75
N ILE A 276 -23.65 26.80 16.41
CA ILE A 276 -22.37 26.39 17.01
C ILE A 276 -21.44 27.61 17.07
N LYS A 277 -20.72 27.75 18.18
CA LYS A 277 -19.90 28.94 18.45
C LYS A 277 -18.53 28.87 17.78
N ILE A 278 -17.84 30.02 17.75
CA ILE A 278 -16.48 30.13 17.15
C ILE A 278 -15.46 29.41 18.04
N LYS A 279 -15.56 29.64 19.36
CA LYS A 279 -14.78 28.90 20.37
C LYS A 279 -14.98 27.37 20.30
N ASP A 280 -16.22 26.95 20.04
CA ASP A 280 -16.59 25.52 19.88
C ASP A 280 -15.97 24.79 18.66
N LEU A 281 -15.53 25.52 17.63
CA LEU A 281 -14.91 24.90 16.44
C LEU A 281 -13.54 24.27 16.75
N PRO A 282 -13.38 22.94 16.54
CA PRO A 282 -12.10 22.27 16.82
C PRO A 282 -11.06 22.48 15.71
N LYS A 283 -9.81 22.10 16.00
CA LYS A 283 -8.72 22.17 15.00
C LYS A 283 -8.91 21.07 13.95
N GLY A 284 -8.66 21.42 12.69
CA GLY A 284 -8.98 20.56 11.55
C GLY A 284 -10.47 20.42 11.26
N ALA A 285 -11.27 21.45 11.60
CA ALA A 285 -12.71 21.47 11.31
C ALA A 285 -12.90 21.81 9.83
N LEU A 286 -13.75 21.03 9.16
CA LEU A 286 -13.89 21.05 7.71
C LEU A 286 -15.27 21.60 7.32
N LEU A 287 -15.28 22.74 6.62
CA LEU A 287 -16.50 23.31 6.02
C LEU A 287 -16.77 22.64 4.67
N ASN A 288 -17.56 21.56 4.71
CA ASN A 288 -17.92 20.79 3.51
C ASN A 288 -19.15 21.40 2.83
N LEU A 289 -18.91 22.05 1.68
CA LEU A 289 -19.97 22.63 0.84
C LEU A 289 -20.31 21.62 -0.27
N GLN A 290 -21.60 21.32 -0.44
CA GLN A 290 -22.09 20.31 -1.41
C GLN A 290 -23.31 20.83 -2.17
N ILE A 291 -23.44 20.43 -3.44
CA ILE A 291 -24.57 20.78 -4.32
C ILE A 291 -25.37 19.52 -4.63
N TYR A 292 -26.57 19.42 -4.05
CA TYR A 292 -27.56 18.36 -4.38
C TYR A 292 -28.53 18.84 -5.45
N CYS A 293 -29.29 17.90 -6.01
CA CYS A 293 -30.32 18.17 -7.03
C CYS A 293 -31.42 17.10 -7.05
N VAL A 316 -31.57 14.73 -3.02
CA VAL A 316 -31.72 13.37 -3.54
C VAL A 316 -30.51 12.87 -4.36
N GLN A 317 -29.96 13.75 -5.19
CA GLN A 317 -28.84 13.43 -6.11
C GLN A 317 -27.71 14.45 -5.95
N LEU A 318 -26.60 14.01 -5.35
CA LEU A 318 -25.40 14.84 -5.15
C LEU A 318 -24.67 15.04 -6.49
N LEU A 319 -24.35 16.30 -6.84
CA LEU A 319 -23.65 16.65 -8.09
C LEU A 319 -22.18 16.99 -7.86
N TYR A 320 -21.95 18.02 -7.04
CA TYR A 320 -20.61 18.59 -6.79
C TYR A 320 -20.30 18.69 -5.29
N TYR A 321 -19.01 18.88 -4.97
CA TYR A 321 -18.55 19.09 -3.60
C TYR A 321 -17.22 19.84 -3.51
N VAL A 322 -17.02 20.56 -2.41
CA VAL A 322 -15.73 21.17 -2.06
C VAL A 322 -15.62 21.38 -0.54
N ASN A 323 -14.39 21.33 -0.02
CA ASN A 323 -14.09 21.53 1.41
C ASN A 323 -13.23 22.76 1.65
N LEU A 324 -13.28 23.26 2.89
CA LEU A 324 -12.48 24.40 3.33
C LEU A 324 -12.20 24.26 4.84
N LEU A 325 -10.93 24.28 5.22
CA LEU A 325 -10.52 24.19 6.64
C LEU A 325 -10.85 25.50 7.35
N LEU A 326 -11.68 25.43 8.40
CA LEU A 326 -12.12 26.61 9.15
C LEU A 326 -10.99 27.19 10.01
N ILE A 327 -10.30 26.33 10.75
CA ILE A 327 -9.06 26.68 11.46
C ILE A 327 -7.91 26.31 10.52
N ASP A 328 -7.07 27.29 10.16
CA ASP A 328 -5.91 27.07 9.27
C ASP A 328 -4.69 26.51 9.99
N HIS A 329 -3.67 26.16 9.20
CA HIS A 329 -2.33 25.73 9.68
C HIS A 329 -1.61 26.59 10.74
N ARG A 330 -1.86 27.92 10.73
CA ARG A 330 -1.32 28.86 11.75
C ARG A 330 -2.23 29.11 13.00
N PHE A 331 -3.22 28.22 13.25
CA PHE A 331 -4.21 28.37 14.33
C PHE A 331 -5.01 29.69 14.24
N LEU A 332 -5.48 30.00 13.03
CA LEU A 332 -6.28 31.20 12.74
C LEU A 332 -7.57 30.81 12.03
N LEU A 333 -8.66 31.52 12.36
CA LEU A 333 -9.97 31.26 11.76
C LEU A 333 -10.01 31.77 10.32
N ARG A 334 -10.74 31.05 9.46
CA ARG A 334 -10.85 31.36 8.03
C ARG A 334 -11.76 32.57 7.85
N ARG A 335 -11.33 33.53 7.04
CA ARG A 335 -12.13 34.74 6.73
C ARG A 335 -11.83 35.32 5.35
N GLY A 336 -12.74 36.15 4.87
CA GLY A 336 -12.67 36.80 3.55
C GLY A 336 -13.43 36.07 2.45
N GLU A 337 -13.29 36.58 1.24
CA GLU A 337 -13.98 36.04 0.04
C GLU A 337 -13.24 34.81 -0.47
N TYR A 338 -14.00 33.77 -0.84
CA TYR A 338 -13.45 32.56 -1.48
C TYR A 338 -14.35 32.10 -2.63
N VAL A 339 -13.78 31.98 -3.82
CA VAL A 339 -14.41 31.36 -4.99
C VAL A 339 -13.74 29.99 -5.18
N LEU A 340 -14.29 28.98 -4.50
CA LEU A 340 -13.74 27.63 -4.51
C LEU A 340 -14.27 26.85 -5.72
N HIS A 341 -13.36 26.36 -6.58
CA HIS A 341 -13.71 25.51 -7.72
C HIS A 341 -13.88 24.06 -7.26
N MET A 342 -15.02 23.46 -7.59
CA MET A 342 -15.53 22.25 -6.95
C MET A 342 -15.23 20.99 -7.76
N TRP A 343 -15.16 19.86 -7.04
CA TRP A 343 -14.97 18.53 -7.62
C TRP A 343 -16.32 17.93 -8.01
N GLN A 344 -16.38 17.28 -9.17
CA GLN A 344 -17.59 16.59 -9.64
C GLN A 344 -17.60 15.15 -9.12
N ILE A 345 -18.81 14.62 -8.90
CA ILE A 345 -19.01 13.24 -8.40
C ILE A 345 -18.87 12.25 -9.57
N SER A 346 -18.58 10.99 -9.25
CA SER A 346 -18.61 9.86 -10.20
C SER A 346 -19.44 8.71 -9.65
N SER A 354 -22.58 7.01 0.70
CA SER A 354 -21.25 6.65 0.21
C SER A 354 -20.19 7.69 0.63
N PHE A 355 -18.98 7.21 0.89
CA PHE A 355 -17.84 8.04 1.33
C PHE A 355 -16.50 7.45 0.88
N ASN A 356 -15.53 8.34 0.59
CA ASN A 356 -14.17 7.94 0.18
C ASN A 356 -13.12 9.00 0.56
N ALA A 357 -11.85 8.73 0.28
CA ALA A 357 -10.74 9.65 0.60
C ALA A 357 -10.79 10.97 -0.20
N ASP A 358 -11.17 10.89 -1.48
CA ASP A 358 -11.34 12.09 -2.34
C ASP A 358 -12.41 13.09 -1.84
N LYS A 359 -13.44 12.60 -1.14
CA LYS A 359 -14.44 13.45 -0.45
C LYS A 359 -13.88 14.40 0.63
N LEU A 360 -12.75 14.05 1.27
CA LEU A 360 -12.18 14.83 2.38
C LEU A 360 -11.17 15.95 2.01
N THR A 361 -10.77 16.05 0.74
CA THR A 361 -9.61 16.89 0.34
C THR A 361 -9.82 18.41 0.49
N SER A 362 -8.83 19.09 1.08
CA SER A 362 -8.79 20.56 1.16
C SER A 362 -8.47 21.25 -0.19
N ALA A 363 -7.90 20.52 -1.15
CA ALA A 363 -7.59 21.04 -2.48
C ALA A 363 -8.84 21.31 -3.30
N THR A 364 -8.78 22.37 -4.11
CA THR A 364 -9.82 22.73 -5.09
C THR A 364 -9.50 22.14 -6.46
N ASN A 365 -10.50 22.17 -7.35
CA ASN A 365 -10.38 21.62 -8.71
C ASN A 365 -9.47 22.57 -9.53
N PRO A 366 -8.33 22.07 -10.10
CA PRO A 366 -7.47 22.94 -10.91
C PRO A 366 -8.04 23.36 -12.28
N ASP A 367 -8.83 22.49 -12.91
CA ASP A 367 -9.51 22.81 -14.18
C ASP A 367 -10.61 23.87 -13.97
N LYS A 368 -10.18 25.14 -13.94
CA LYS A 368 -11.07 26.27 -13.65
C LYS A 368 -12.08 26.64 -14.76
N GLU A 369 -11.78 26.28 -16.01
CA GLU A 369 -12.64 26.63 -17.15
C GLU A 369 -13.96 25.85 -17.15
N ASN A 370 -13.87 24.52 -17.11
CA ASN A 370 -15.03 23.62 -17.22
C ASN A 370 -15.79 23.39 -15.90
N SER A 371 -15.07 23.34 -14.78
CA SER A 371 -15.65 22.90 -13.49
C SER A 371 -16.65 23.87 -12.86
N MET A 372 -17.47 23.34 -11.96
CA MET A 372 -18.38 24.13 -11.11
C MET A 372 -17.58 24.93 -10.09
N SER A 373 -18.10 26.10 -9.73
CA SER A 373 -17.50 26.97 -8.69
C SER A 373 -18.59 27.47 -7.73
N ILE A 374 -18.16 27.80 -6.50
CA ILE A 374 -19.04 28.33 -5.45
C ILE A 374 -18.37 29.54 -4.76
N SER A 375 -19.03 30.70 -4.84
CA SER A 375 -18.58 31.93 -4.18
C SER A 375 -19.14 32.00 -2.76
N ILE A 376 -18.27 32.30 -1.78
CA ILE A 376 -18.67 32.47 -0.37
C ILE A 376 -17.96 33.64 0.31
N LEU A 377 -18.52 34.09 1.44
CA LEU A 377 -17.90 35.06 2.36
C LEU A 377 -17.92 34.49 3.78
N LEU A 378 -16.77 34.56 4.46
CA LEU A 378 -16.62 34.27 5.88
C LEU A 378 -16.14 35.55 6.57
N ASP A 379 -16.84 35.96 7.63
CA ASP A 379 -16.55 37.22 8.36
C ASP A 379 -16.77 37.06 9.86
N ASN A 380 -15.69 37.21 10.64
CA ASN A 380 -15.71 37.13 12.11
C ASN A 380 -14.79 38.17 12.73
N VAL A 401 -7.65 8.95 43.36
CA VAL A 401 -8.46 10.12 42.97
C VAL A 401 -9.92 9.71 42.69
N ARG A 402 -10.10 8.85 41.69
CA ARG A 402 -11.42 8.45 41.17
C ARG A 402 -11.88 7.11 41.74
N ALA A 403 -13.20 6.95 41.88
CA ALA A 403 -13.82 5.77 42.50
C ALA A 403 -13.90 4.57 41.55
N GLU A 404 -14.13 3.39 42.14
CA GLU A 404 -14.23 2.13 41.39
C GLU A 404 -15.55 2.01 40.63
N MET A 405 -15.52 1.31 39.50
CA MET A 405 -16.74 1.01 38.72
C MET A 405 -17.61 -0.06 39.39
N PRO A 406 -18.93 -0.09 39.07
CA PRO A 406 -19.74 -1.30 39.28
C PRO A 406 -19.31 -2.49 38.42
N ASN A 407 -19.64 -3.70 38.86
CA ASN A 407 -19.29 -4.94 38.15
C ASN A 407 -20.05 -5.10 36.82
N GLN A 408 -21.33 -4.70 36.79
CA GLN A 408 -22.15 -4.74 35.58
C GLN A 408 -21.64 -3.79 34.48
N LEU A 409 -21.39 -2.54 34.88
CA LEU A 409 -20.88 -1.50 33.95
C LEU A 409 -19.46 -1.75 33.45
N ARG A 410 -18.59 -2.34 34.29
CA ARG A 410 -17.24 -2.78 33.88
C ARG A 410 -17.30 -3.90 32.84
N LYS A 411 -18.16 -4.89 33.10
CA LYS A 411 -18.47 -5.95 32.11
C LYS A 411 -19.12 -5.40 30.83
N GLN A 412 -19.99 -4.40 30.98
CA GLN A 412 -20.58 -3.67 29.84
C GLN A 412 -19.55 -2.87 29.04
N LEU A 413 -18.58 -2.27 29.75
CA LEU A 413 -17.49 -1.51 29.10
C LEU A 413 -16.54 -2.43 28.35
N GLU A 414 -16.08 -3.49 29.03
CA GLU A 414 -15.24 -4.54 28.41
C GLU A 414 -15.90 -5.29 27.25
N ALA A 415 -17.22 -5.41 27.27
CA ALA A 415 -18.02 -5.93 26.14
C ALA A 415 -17.95 -5.00 24.91
N ILE A 416 -18.04 -3.69 25.14
CA ILE A 416 -17.90 -2.67 24.07
C ILE A 416 -16.48 -2.66 23.49
N ILE A 417 -15.47 -2.77 24.34
CA ILE A 417 -14.05 -2.79 23.94
C ILE A 417 -13.71 -4.07 23.15
N ALA A 418 -14.28 -5.21 23.56
CA ALA A 418 -14.06 -6.51 22.90
C ALA A 418 -14.55 -6.62 21.44
N THR A 419 -15.56 -5.82 21.06
CA THR A 419 -16.11 -5.85 19.69
C THR A 419 -15.15 -5.29 18.63
N ASP A 420 -15.42 -5.66 17.37
CA ASP A 420 -14.58 -5.27 16.21
C ASP A 420 -14.72 -3.77 15.85
N PRO A 421 -13.78 -3.21 15.04
CA PRO A 421 -13.87 -1.80 14.60
C PRO A 421 -15.13 -1.40 13.83
N LEU A 422 -15.62 -2.29 12.97
CA LEU A 422 -16.83 -2.05 12.16
C LEU A 422 -18.15 -2.19 12.91
N ASN A 423 -18.11 -2.71 14.16
CA ASN A 423 -19.28 -2.73 15.05
C ASN A 423 -19.65 -1.28 15.43
N PRO A 424 -20.86 -0.78 15.02
CA PRO A 424 -21.19 0.63 15.31
C PRO A 424 -21.48 0.91 16.79
N LEU A 425 -20.92 2.00 17.31
CA LEU A 425 -21.17 2.45 18.69
C LEU A 425 -22.48 3.21 18.75
N THR A 426 -23.38 2.78 19.63
CA THR A 426 -24.62 3.51 19.93
C THR A 426 -24.34 4.72 20.82
N ALA A 427 -25.35 5.58 20.96
CA ALA A 427 -25.31 6.72 21.90
C ALA A 427 -25.08 6.29 23.36
N GLU A 428 -25.67 5.15 23.75
CA GLU A 428 -25.44 4.53 25.07
C GLU A 428 -24.00 4.05 25.29
N ASP A 429 -23.38 3.47 24.26
CA ASP A 429 -21.97 3.02 24.31
C ASP A 429 -20.98 4.20 24.41
N LYS A 430 -21.23 5.27 23.67
CA LYS A 430 -20.38 6.48 23.69
C LYS A 430 -20.42 7.20 25.03
N GLU A 431 -21.61 7.40 25.58
CA GLU A 431 -21.80 8.02 26.90
C GLU A 431 -21.14 7.23 28.04
N LEU A 432 -21.18 5.89 27.96
CA LEU A 432 -20.48 5.01 28.91
C LEU A 432 -18.96 5.08 28.79
N LEU A 433 -18.47 5.07 27.55
CA LEU A 433 -17.03 5.23 27.26
C LEU A 433 -16.46 6.57 27.75
N TRP A 434 -17.22 7.66 27.57
CA TRP A 434 -16.80 8.99 28.00
C TRP A 434 -16.83 9.18 29.53
N HIS A 435 -17.92 8.79 30.16
CA HIS A 435 -18.08 8.92 31.62
C HIS A 435 -17.01 8.13 32.40
N PHE A 436 -16.72 6.91 31.93
CA PHE A 436 -15.63 6.07 32.45
C PHE A 436 -14.40 6.07 31.52
N ARG A 437 -13.99 7.27 31.10
CA ARG A 437 -12.82 7.46 30.22
C ARG A 437 -11.48 7.08 30.85
N TYR A 438 -11.31 7.37 32.14
CA TYR A 438 -10.08 6.99 32.87
C TYR A 438 -9.92 5.48 33.09
N GLU A 439 -11.02 4.75 33.17
CA GLU A 439 -11.00 3.26 33.13
C GLU A 439 -10.80 2.75 31.70
N SER A 440 -11.43 3.40 30.72
CA SER A 440 -11.22 3.10 29.28
C SER A 440 -9.77 3.30 28.82
N LEU A 441 -9.13 4.35 29.34
CA LEU A 441 -7.72 4.67 29.05
C LEU A 441 -6.71 3.60 29.52
N LYS A 442 -7.09 2.80 30.53
CA LYS A 442 -6.28 1.64 30.98
C LYS A 442 -6.26 0.45 29.98
N HIS A 443 -7.13 0.45 28.97
CA HIS A 443 -7.14 -0.55 27.89
C HIS A 443 -6.76 0.11 26.54
N PRO A 444 -5.58 -0.23 25.96
CA PRO A 444 -5.17 0.29 24.64
C PRO A 444 -6.15 0.06 23.47
N LYS A 445 -6.74 -1.13 23.41
CA LYS A 445 -7.74 -1.48 22.38
C LYS A 445 -9.03 -0.63 22.41
N ALA A 446 -9.35 -0.04 23.57
CA ALA A 446 -10.45 0.93 23.69
C ALA A 446 -10.27 2.26 22.94
N TYR A 447 -9.03 2.65 22.65
CA TYR A 447 -8.68 4.02 22.18
C TYR A 447 -9.44 4.54 20.94
N PRO A 448 -9.55 3.72 19.87
CA PRO A 448 -10.42 4.09 18.73
C PRO A 448 -11.89 4.33 19.09
N LYS A 449 -12.45 3.42 19.88
CA LYS A 449 -13.83 3.54 20.39
C LYS A 449 -14.01 4.72 21.37
N LEU A 450 -13.01 4.97 22.21
CA LEU A 450 -13.02 6.07 23.20
C LEU A 450 -13.01 7.45 22.53
N PHE A 451 -12.06 7.66 21.63
CA PHE A 451 -11.94 8.94 20.88
C PHE A 451 -12.97 9.13 19.77
N SER A 452 -13.66 8.06 19.37
CA SER A 452 -14.92 8.16 18.61
C SER A 452 -16.06 8.72 19.46
N SER A 453 -16.12 8.31 20.73
CA SER A 453 -17.11 8.82 21.72
C SER A 453 -16.94 10.27 22.21
N VAL A 454 -15.83 10.93 21.86
CA VAL A 454 -15.61 12.35 22.20
C VAL A 454 -16.55 13.25 21.38
N LYS A 455 -17.22 14.17 22.07
CA LYS A 455 -18.00 15.23 21.42
C LYS A 455 -17.03 16.35 20.99
N TRP A 456 -16.54 16.23 19.75
CA TRP A 456 -15.54 17.17 19.19
C TRP A 456 -16.07 18.59 18.94
N GLY A 457 -17.39 18.75 18.83
CA GLY A 457 -18.04 20.07 18.73
C GLY A 457 -18.19 20.90 19.99
N GLN A 458 -17.75 20.39 21.16
CA GLN A 458 -17.69 21.15 22.41
C GLN A 458 -16.23 21.40 22.81
N GLN A 459 -15.88 22.66 23.04
CA GLN A 459 -14.50 23.08 23.37
C GLN A 459 -14.02 22.55 24.73
N GLU A 460 -14.89 22.60 25.74
CA GLU A 460 -14.62 22.05 27.08
C GLU A 460 -14.39 20.52 27.08
N ILE A 461 -15.11 19.81 26.21
CA ILE A 461 -14.97 18.34 26.06
C ILE A 461 -13.63 17.97 25.41
N VAL A 462 -13.23 18.72 24.38
CA VAL A 462 -11.93 18.54 23.71
C VAL A 462 -10.75 18.85 24.66
N ALA A 463 -10.91 19.85 25.52
CA ALA A 463 -9.93 20.16 26.59
C ALA A 463 -9.73 19.01 27.57
N LYS A 464 -10.83 18.38 27.98
CA LYS A 464 -10.80 17.17 28.84
C LYS A 464 -10.14 15.97 28.15
N THR A 465 -10.42 15.80 26.85
CA THR A 465 -9.76 14.79 26.00
C THR A 465 -8.23 15.00 25.90
N TYR A 466 -7.80 16.26 25.85
CA TYR A 466 -6.37 16.62 25.83
C TYR A 466 -5.71 16.36 27.19
N GLN A 467 -6.40 16.72 28.27
CA GLN A 467 -6.02 16.34 29.66
C GLN A 467 -5.92 14.82 29.88
N LEU A 468 -6.83 14.08 29.25
CA LEU A 468 -6.81 12.61 29.27
C LEU A 468 -5.61 12.05 28.49
N LEU A 469 -5.38 12.58 27.29
CA LEU A 469 -4.20 12.24 26.46
C LEU A 469 -2.82 12.62 27.05
N ALA A 470 -2.78 13.53 28.03
CA ALA A 470 -1.53 13.92 28.71
C ALA A 470 -0.92 12.77 29.53
N ARG A 471 -1.72 12.21 30.43
CA ARG A 471 -1.32 11.05 31.26
C ARG A 471 -1.73 9.75 30.57
N ARG A 472 -0.85 9.24 29.70
CA ARG A 472 -1.06 7.99 28.94
C ARG A 472 0.13 7.03 29.14
N GLU A 473 0.37 6.69 30.41
CA GLU A 473 1.42 5.73 30.80
C GLU A 473 1.20 4.30 30.26
N VAL A 474 -0.07 3.91 30.07
CA VAL A 474 -0.42 2.57 29.56
C VAL A 474 -0.16 2.48 28.05
N TRP A 475 -0.57 3.51 27.29
CA TRP A 475 -0.37 3.56 25.82
C TRP A 475 1.11 3.56 25.39
N ASP A 476 1.93 4.34 26.08
CA ASP A 476 3.38 4.44 25.80
C ASP A 476 4.11 3.12 26.11
N GLN A 477 3.78 2.52 27.26
CA GLN A 477 4.33 1.22 27.69
C GLN A 477 3.79 -0.03 26.96
N SER A 478 2.69 0.10 26.21
CA SER A 478 2.06 -1.05 25.52
C SER A 478 2.90 -1.57 24.36
N ALA A 479 2.68 -2.84 24.03
CA ALA A 479 3.28 -3.47 22.86
C ALA A 479 2.65 -2.91 21.57
N LEU A 480 3.43 -2.89 20.49
CA LEU A 480 2.98 -2.34 19.21
C LEU A 480 1.92 -3.22 18.56
N ASP A 481 0.68 -2.71 18.55
CA ASP A 481 -0.44 -3.31 17.83
C ASP A 481 -0.66 -2.42 16.60
N VAL A 482 -0.27 -2.93 15.43
CA VAL A 482 -0.24 -2.13 14.19
C VAL A 482 -1.66 -1.92 13.65
N GLY A 483 -2.50 -2.97 13.70
CA GLY A 483 -3.94 -2.86 13.40
C GLY A 483 -4.69 -1.84 14.23
N LEU A 484 -4.39 -1.81 15.53
CA LEU A 484 -4.91 -0.79 16.46
C LEU A 484 -4.37 0.61 16.15
N THR A 485 -3.07 0.69 15.90
CA THR A 485 -2.41 1.93 15.44
C THR A 485 -3.00 2.47 14.12
N MET A 486 -3.35 1.57 13.20
CA MET A 486 -3.92 1.96 11.90
C MET A 486 -5.36 2.51 11.99
N GLN A 487 -6.14 2.06 12.98
CA GLN A 487 -7.50 2.61 13.26
C GLN A 487 -7.48 4.11 13.50
N LEU A 488 -6.58 4.54 14.39
CA LEU A 488 -6.43 5.97 14.74
C LEU A 488 -5.98 6.89 13.60
N LEU A 489 -5.39 6.32 12.54
CA LEU A 489 -5.02 7.03 11.31
C LEU A 489 -6.04 6.98 10.14
N ASP A 490 -7.23 6.38 10.34
CA ASP A 490 -8.28 6.31 9.29
C ASP A 490 -9.11 7.61 9.20
N CYS A 491 -10.15 7.61 8.36
CA CYS A 491 -11.04 8.78 8.16
C CYS A 491 -11.83 9.28 9.39
N ASN A 492 -12.06 8.41 10.36
CA ASN A 492 -12.87 8.74 11.56
C ASN A 492 -12.21 9.71 12.57
N PHE A 493 -10.89 9.90 12.50
CA PHE A 493 -10.13 10.72 13.48
C PHE A 493 -9.41 11.90 12.79
N SER A 494 -9.81 13.13 13.13
CA SER A 494 -9.23 14.38 12.61
C SER A 494 -8.33 15.17 13.59
N ASP A 495 -8.34 14.80 14.88
CA ASP A 495 -7.55 15.52 15.91
C ASP A 495 -6.06 15.17 15.78
N GLU A 496 -5.20 16.19 15.89
CA GLU A 496 -3.75 16.02 15.72
C GLU A 496 -3.10 15.19 16.82
N ASN A 497 -3.49 15.42 18.08
CA ASN A 497 -2.97 14.68 19.24
C ASN A 497 -3.41 13.21 19.28
N VAL A 498 -4.62 12.92 18.79
CA VAL A 498 -5.12 11.54 18.66
C VAL A 498 -4.31 10.78 17.59
N ARG A 499 -4.13 11.42 16.44
CA ARG A 499 -3.29 10.87 15.36
C ARG A 499 -1.79 10.81 15.69
N ALA A 500 -1.29 11.77 16.47
CA ALA A 500 0.13 11.83 16.87
C ALA A 500 0.58 10.64 17.74
N ILE A 501 -0.27 10.20 18.66
CA ILE A 501 0.02 9.02 19.51
C ILE A 501 0.06 7.69 18.74
N ALA A 502 -0.70 7.59 17.65
CA ALA A 502 -0.60 6.46 16.71
C ALA A 502 0.75 6.45 15.99
N VAL A 503 1.11 7.61 15.44
CA VAL A 503 2.42 7.81 14.78
C VAL A 503 3.61 7.55 15.75
N GLN A 504 3.43 7.88 17.03
CA GLN A 504 4.41 7.56 18.10
C GLN A 504 4.65 6.05 18.24
N LYS A 505 3.59 5.24 18.17
CA LYS A 505 3.71 3.77 18.19
C LYS A 505 4.38 3.21 16.93
N LEU A 506 4.13 3.83 15.77
CA LEU A 506 4.83 3.49 14.51
C LEU A 506 6.35 3.74 14.51
N GLU A 507 6.86 4.61 15.39
CA GLU A 507 8.32 4.87 15.54
C GLU A 507 9.13 3.61 15.87
N SER A 508 8.57 2.73 16.69
CA SER A 508 9.22 1.47 17.09
C SER A 508 9.29 0.37 16.01
N LEU A 509 8.58 0.54 14.88
CA LEU A 509 8.70 -0.36 13.71
C LEU A 509 10.13 -0.40 13.16
N GLU A 510 10.62 -1.63 12.92
CA GLU A 510 11.85 -1.84 12.13
C GLU A 510 11.56 -1.58 10.65
N ASP A 511 12.63 -1.38 9.87
CA ASP A 511 12.53 -1.04 8.43
C ASP A 511 11.82 -2.11 7.58
N ASP A 512 11.99 -3.37 7.95
CA ASP A 512 11.27 -4.51 7.33
C ASP A 512 9.75 -4.40 7.44
N ASP A 513 9.27 -4.11 8.65
CA ASP A 513 7.83 -3.92 8.91
C ASP A 513 7.25 -2.65 8.28
N VAL A 514 8.02 -1.57 8.22
CA VAL A 514 7.57 -0.32 7.58
C VAL A 514 7.25 -0.54 6.09
N LEU A 515 8.12 -1.29 5.39
CA LEU A 515 7.89 -1.70 3.98
C LEU A 515 6.58 -2.44 3.72
N HIS A 516 6.18 -3.31 4.66
CA HIS A 516 4.89 -4.03 4.59
C HIS A 516 3.68 -3.08 4.62
N TYR A 517 3.73 -2.08 5.50
CA TYR A 517 2.64 -1.09 5.67
C TYR A 517 2.85 0.26 4.96
N LEU A 518 3.93 0.42 4.19
CA LEU A 518 4.33 1.72 3.60
C LEU A 518 3.29 2.30 2.64
N LEU A 519 2.77 1.45 1.74
CA LEU A 519 1.74 1.85 0.78
C LEU A 519 0.48 2.38 1.47
N GLN A 520 -0.02 1.60 2.43
CA GLN A 520 -1.21 1.98 3.23
C GLN A 520 -0.99 3.23 4.10
N LEU A 521 0.20 3.35 4.69
CA LEU A 521 0.61 4.57 5.42
C LEU A 521 0.69 5.82 4.54
N VAL A 522 1.17 5.65 3.30
CA VAL A 522 1.17 6.74 2.29
C VAL A 522 -0.28 7.11 1.88
N GLN A 523 -1.15 6.12 1.72
CA GLN A 523 -2.59 6.36 1.50
C GLN A 523 -3.28 7.01 2.70
N ALA A 524 -2.85 6.67 3.92
CA ALA A 524 -3.34 7.30 5.16
C ALA A 524 -3.05 8.80 5.33
N VAL A 525 -2.09 9.33 4.58
CA VAL A 525 -1.84 10.79 4.48
C VAL A 525 -3.03 11.56 3.86
N LYS A 526 -3.85 10.88 3.03
CA LYS A 526 -5.11 11.46 2.50
C LYS A 526 -6.12 11.82 3.60
N PHE A 527 -6.16 11.01 4.66
CA PHE A 527 -7.06 11.25 5.82
C PHE A 527 -6.64 12.40 6.74
N GLU A 528 -5.42 12.95 6.57
CA GLU A 528 -4.95 14.12 7.33
C GLU A 528 -5.75 15.37 6.95
N PRO A 529 -6.15 16.22 7.94
CA PRO A 529 -6.74 17.52 7.60
C PRO A 529 -5.76 18.50 6.94
N TYR A 530 -4.57 18.63 7.53
CA TYR A 530 -3.54 19.58 7.08
C TYR A 530 -2.45 18.91 6.22
N HIS A 531 -1.76 19.74 5.43
CA HIS A 531 -0.67 19.29 4.54
C HIS A 531 0.54 18.79 5.34
N ASP A 532 1.04 19.62 6.26
CA ASP A 532 2.06 19.22 7.24
C ASP A 532 1.40 18.41 8.36
N SER A 533 1.96 17.24 8.65
CA SER A 533 1.45 16.36 9.72
C SER A 533 2.51 15.40 10.24
N ALA A 534 2.23 14.80 11.40
CA ALA A 534 3.13 13.82 12.05
C ALA A 534 3.38 12.57 11.20
N LEU A 535 2.32 12.07 10.55
CA LEU A 535 2.41 10.95 9.60
C LEU A 535 3.26 11.27 8.38
N ALA A 536 3.06 12.45 7.80
CA ALA A 536 3.85 12.95 6.66
C ALA A 536 5.34 13.05 6.98
N ARG A 537 5.64 13.54 8.19
CA ARG A 537 7.03 13.58 8.70
C ARG A 537 7.61 12.21 9.02
N PHE A 538 6.78 11.27 9.49
CA PHE A 538 7.20 9.88 9.71
C PHE A 538 7.63 9.18 8.42
N LEU A 539 6.81 9.30 7.37
CA LEU A 539 7.12 8.73 6.05
C LEU A 539 8.39 9.32 5.45
N LEU A 540 8.53 10.65 5.55
CA LEU A 540 9.74 11.37 5.14
C LEU A 540 10.99 10.90 5.89
N LYS A 541 10.91 10.86 7.21
CA LYS A 541 12.04 10.49 8.09
C LYS A 541 12.53 9.06 7.86
N ARG A 542 11.59 8.11 7.84
CA ARG A 542 11.93 6.70 7.58
C ARG A 542 12.34 6.43 6.13
N GLY A 543 11.84 7.24 5.19
CA GLY A 543 12.33 7.25 3.80
C GLY A 543 13.76 7.75 3.67
N LEU A 544 14.06 8.87 4.32
CA LEU A 544 15.43 9.42 4.37
C LEU A 544 16.45 8.55 5.13
N ARG A 545 15.98 7.79 6.12
CA ARG A 545 16.84 6.92 6.94
C ARG A 545 17.33 5.67 6.21
N ASN A 546 16.45 5.03 5.43
CA ASN A 546 16.72 3.77 4.71
C ASN A 546 16.45 3.94 3.21
N LYS A 547 17.42 3.55 2.37
CA LYS A 547 17.30 3.67 0.90
C LYS A 547 16.16 2.87 0.29
N ARG A 548 15.94 1.64 0.80
CA ARG A 548 14.87 0.76 0.30
C ARG A 548 13.47 1.35 0.51
N ILE A 549 13.21 1.85 1.72
CA ILE A 549 11.92 2.53 2.05
C ILE A 549 11.77 3.79 1.19
N GLY A 550 12.81 4.61 1.12
CA GLY A 550 12.85 5.81 0.29
C GLY A 550 12.64 5.59 -1.21
N HIS A 551 13.08 4.43 -1.72
CA HIS A 551 12.84 4.04 -3.11
C HIS A 551 11.36 3.80 -3.38
N PHE A 552 10.74 2.95 -2.58
CA PHE A 552 9.29 2.67 -2.70
C PHE A 552 8.41 3.87 -2.30
N LEU A 553 8.89 4.71 -1.37
CA LEU A 553 8.25 5.99 -1.03
C LEU A 553 8.12 6.92 -2.24
N PHE A 554 9.19 7.04 -3.01
CA PHE A 554 9.23 7.82 -4.28
C PHE A 554 8.10 7.40 -5.23
N TRP A 555 8.06 6.10 -5.53
CA TRP A 555 7.08 5.53 -6.48
C TRP A 555 5.63 5.56 -6.00
N PHE A 556 5.39 5.35 -4.70
CA PHE A 556 4.03 5.47 -4.13
C PHE A 556 3.52 6.92 -4.19
N LEU A 557 4.38 7.88 -3.86
CA LEU A 557 4.07 9.31 -3.98
C LEU A 557 3.93 9.78 -5.44
N ARG A 558 4.86 9.36 -6.30
CA ARG A 558 4.83 9.71 -7.73
C ARG A 558 3.63 9.13 -8.49
N SER A 559 3.22 7.91 -8.14
CA SER A 559 2.04 7.28 -8.72
C SER A 559 0.74 8.03 -8.38
N GLU A 560 0.61 8.47 -7.12
CA GLU A 560 -0.56 9.25 -6.67
C GLU A 560 -0.65 10.65 -7.29
N ILE A 561 0.50 11.33 -7.39
CA ILE A 561 0.61 12.63 -8.07
C ILE A 561 0.10 12.58 -9.52
N ALA A 562 0.42 11.50 -10.23
CA ALA A 562 0.01 11.29 -11.62
C ALA A 562 -1.50 11.13 -11.79
N GLN A 563 -2.10 10.19 -11.06
CA GLN A 563 -3.51 9.78 -11.22
C GLN A 563 -4.47 10.18 -10.08
N SER A 564 -4.21 11.31 -9.43
CA SER A 564 -5.13 11.89 -8.43
C SER A 564 -4.94 13.41 -8.32
N ARG A 565 -5.86 14.16 -8.94
CA ARG A 565 -5.90 15.63 -8.81
C ARG A 565 -6.22 16.11 -7.38
N HIS A 566 -6.96 15.29 -6.62
CA HIS A 566 -7.39 15.61 -5.25
C HIS A 566 -6.22 15.79 -4.26
N TYR A 567 -5.20 14.93 -4.35
CA TYR A 567 -4.07 14.88 -3.40
C TYR A 567 -2.65 15.06 -3.98
N GLN A 568 -2.52 15.39 -5.27
CA GLN A 568 -1.17 15.61 -5.89
C GLN A 568 -0.37 16.76 -5.26
N GLN A 569 -1.06 17.82 -4.85
CA GLN A 569 -0.45 18.98 -4.19
C GLN A 569 0.18 18.64 -2.83
N ARG A 570 -0.51 17.80 -2.04
CA ARG A 570 0.02 17.31 -0.75
C ARG A 570 1.24 16.41 -0.97
N PHE A 571 1.08 15.38 -1.81
CA PHE A 571 2.14 14.38 -2.05
C PHE A 571 3.39 14.95 -2.74
N ALA A 572 3.21 15.93 -3.64
CA ALA A 572 4.35 16.61 -4.31
C ALA A 572 5.27 17.36 -3.33
N VAL A 573 4.67 18.04 -2.36
CA VAL A 573 5.40 18.73 -1.27
C VAL A 573 6.18 17.72 -0.40
N ILE A 574 5.56 16.57 -0.10
CA ILE A 574 6.22 15.47 0.64
C ILE A 574 7.33 14.81 -0.21
N LEU A 575 7.06 14.61 -1.51
CA LEU A 575 8.01 13.97 -2.42
C LEU A 575 9.23 14.85 -2.69
N GLU A 576 8.99 16.15 -2.93
CA GLU A 576 10.06 17.17 -3.01
C GLU A 576 10.93 17.18 -1.77
N ALA A 577 10.27 17.14 -0.60
CA ALA A 577 10.94 17.06 0.69
C ALA A 577 11.80 15.81 0.86
N TYR A 578 11.34 14.65 0.34
CA TYR A 578 12.17 13.44 0.29
C TYR A 578 13.37 13.62 -0.66
N LEU A 579 13.08 14.04 -1.89
CA LEU A 579 14.10 14.20 -2.94
C LEU A 579 15.21 15.22 -2.62
N ARG A 580 14.88 16.26 -1.86
CA ARG A 580 15.87 17.24 -1.38
C ARG A 580 16.90 16.71 -0.36
N GLY A 581 16.62 15.57 0.28
CA GLY A 581 17.57 14.89 1.20
C GLY A 581 17.95 13.43 0.93
N CYS A 582 17.48 12.87 -0.19
CA CYS A 582 17.76 11.45 -0.52
C CYS A 582 19.21 11.19 -0.95
N GLY A 583 19.82 12.17 -1.64
CA GLY A 583 21.22 12.10 -2.08
C GLY A 583 21.35 12.15 -3.59
N THR A 584 22.55 12.52 -4.05
CA THR A 584 22.85 12.69 -5.49
C THR A 584 22.80 11.36 -6.27
N ALA A 585 23.34 10.30 -5.68
CA ALA A 585 23.32 8.95 -6.27
C ALA A 585 21.90 8.44 -6.54
N MET A 586 21.01 8.62 -5.56
CA MET A 586 19.59 8.26 -5.71
C MET A 586 18.83 9.19 -6.67
N LEU A 587 19.09 10.50 -6.57
CA LEU A 587 18.58 11.49 -7.55
C LEU A 587 18.92 11.12 -9.00
N HIS A 588 20.17 10.70 -9.22
CA HIS A 588 20.62 10.18 -10.51
C HIS A 588 19.89 8.89 -10.91
N ASP A 589 19.74 7.96 -9.95
CA ASP A 589 19.03 6.70 -10.18
C ASP A 589 17.55 6.88 -10.50
N PHE A 590 16.84 7.73 -9.73
CA PHE A 590 15.44 8.07 -10.02
C PHE A 590 15.22 8.74 -11.38
N THR A 591 16.18 9.57 -11.82
CA THR A 591 16.14 10.20 -13.15
C THR A 591 16.25 9.15 -14.27
N GLN A 592 17.21 8.23 -14.12
CA GLN A 592 17.38 7.09 -15.04
C GLN A 592 16.14 6.20 -15.15
N GLN A 593 15.46 5.98 -14.02
CA GLN A 593 14.21 5.20 -14.01
C GLN A 593 13.05 5.89 -14.71
N VAL A 594 12.80 7.15 -14.34
CA VAL A 594 11.74 7.99 -14.93
C VAL A 594 11.88 8.14 -16.46
N GLN A 595 13.13 8.30 -16.94
CA GLN A 595 13.43 8.32 -18.38
C GLN A 595 13.04 7.03 -19.12
N VAL A 596 13.24 5.87 -18.48
CA VAL A 596 12.80 4.57 -19.01
C VAL A 596 11.25 4.44 -19.02
N ILE A 597 10.59 4.91 -17.96
CA ILE A 597 9.11 4.90 -17.86
C ILE A 597 8.51 5.86 -18.90
N GLU A 598 9.03 7.10 -18.94
CA GLU A 598 8.63 8.13 -19.92
C GLU A 598 8.74 7.67 -21.38
N MET A 599 9.84 7.01 -21.71
CA MET A 599 10.05 6.45 -23.06
C MET A 599 9.14 5.26 -23.36
N LEU A 600 9.01 4.33 -22.41
CA LEU A 600 8.13 3.15 -22.58
C LEU A 600 6.63 3.49 -22.64
N GLN A 601 6.18 4.47 -21.85
CA GLN A 601 4.80 4.97 -21.94
C GLN A 601 4.50 5.76 -23.24
N LYS A 602 5.54 6.39 -23.82
CA LYS A 602 5.45 7.01 -25.15
C LYS A 602 5.30 5.95 -26.25
N VAL A 603 6.11 4.88 -26.16
CA VAL A 603 6.05 3.73 -27.10
C VAL A 603 4.71 2.98 -27.03
N THR A 604 4.20 2.75 -25.81
CA THR A 604 3.03 1.87 -25.60
C THR A 604 1.69 2.44 -26.10
N LEU A 605 1.53 3.77 -26.06
CA LEU A 605 0.35 4.46 -26.62
C LEU A 605 0.17 4.26 -28.12
N ASP A 606 1.29 4.25 -28.86
CA ASP A 606 1.28 4.02 -30.32
C ASP A 606 0.97 2.57 -30.72
N ILE A 607 1.42 1.60 -29.91
CA ILE A 607 1.15 0.17 -30.13
C ILE A 607 -0.32 -0.23 -29.96
N LYS A 608 -0.98 0.32 -28.93
CA LYS A 608 -2.42 0.10 -28.68
C LYS A 608 -3.35 0.61 -29.80
N SER A 609 -2.95 1.71 -30.44
CA SER A 609 -3.66 2.25 -31.61
C SER A 609 -3.54 1.32 -32.83
N LEU A 610 -2.30 0.91 -33.14
CA LEU A 610 -2.02 -0.02 -34.24
C LEU A 610 -2.46 -1.44 -33.90
N ASP A 616 -6.38 -7.67 -30.89
CA ASP A 616 -5.81 -8.95 -31.33
C ASP A 616 -4.38 -8.78 -31.88
N VAL A 617 -3.66 -9.91 -31.97
CA VAL A 617 -2.31 -9.96 -32.54
C VAL A 617 -2.28 -9.63 -34.04
N SER A 618 -1.16 -9.05 -34.49
CA SER A 618 -0.92 -8.78 -35.92
C SER A 618 0.58 -8.79 -36.26
N SER A 619 0.87 -8.82 -37.56
CA SER A 619 2.26 -8.84 -38.08
C SER A 619 2.98 -7.50 -37.87
N GLN A 620 2.28 -6.40 -38.17
CA GLN A 620 2.78 -5.04 -37.97
C GLN A 620 3.11 -4.68 -36.51
N VAL A 621 2.25 -5.12 -35.57
CA VAL A 621 2.43 -4.84 -34.13
C VAL A 621 3.74 -5.36 -33.51
N ILE A 622 4.14 -6.57 -33.89
CA ILE A 622 5.41 -7.16 -33.46
C ILE A 622 6.64 -6.49 -34.10
N SER A 623 6.53 -6.15 -35.39
CA SER A 623 7.58 -5.43 -36.12
C SER A 623 7.75 -3.98 -35.66
N GLN A 624 6.64 -3.27 -35.50
CA GLN A 624 6.63 -1.87 -35.02
C GLN A 624 7.12 -1.68 -33.57
N LEU A 625 6.91 -2.68 -32.71
CA LEU A 625 7.45 -2.68 -31.35
C LEU A 625 8.98 -2.83 -31.37
N LYS A 626 9.44 -3.89 -32.03
CA LYS A 626 10.89 -4.16 -32.23
C LYS A 626 11.62 -3.05 -33.03
N GLN A 627 10.90 -2.31 -33.86
CA GLN A 627 11.40 -1.09 -34.50
C GLN A 627 11.65 0.02 -33.46
N LYS A 628 10.59 0.36 -32.72
CA LYS A 628 10.63 1.45 -31.71
C LYS A 628 11.58 1.19 -30.53
N LEU A 629 11.66 -0.07 -30.08
CA LEU A 629 12.61 -0.48 -29.04
C LEU A 629 14.09 -0.39 -29.49
N GLU A 630 14.37 -0.67 -30.76
CA GLU A 630 15.70 -0.44 -31.36
C GLU A 630 16.07 1.05 -31.44
N ASN A 631 15.12 1.91 -31.84
CA ASN A 631 15.37 3.36 -32.03
C ASN A 631 15.79 4.09 -30.74
N LEU A 632 15.11 3.79 -29.64
CA LEU A 632 15.44 4.36 -28.32
C LEU A 632 16.75 3.83 -27.73
N GLN A 633 16.96 2.52 -27.85
CA GLN A 633 18.17 1.82 -27.34
C GLN A 633 19.52 2.34 -27.88
N ASN A 634 19.54 2.77 -29.14
CA ASN A 634 20.79 3.23 -29.80
C ASN A 634 21.43 4.50 -29.22
N SER A 635 20.61 5.40 -28.66
CA SER A 635 21.09 6.70 -28.15
C SER A 635 20.39 7.18 -26.87
N GLN A 636 19.08 7.43 -26.98
CA GLN A 636 18.30 8.10 -25.92
C GLN A 636 18.13 7.30 -24.60
N LEU A 637 17.87 6.00 -24.71
CA LEU A 637 17.60 5.13 -23.55
C LEU A 637 18.89 4.93 -22.71
N PRO A 638 18.84 5.10 -21.36
CA PRO A 638 20.02 4.89 -20.50
C PRO A 638 20.71 3.52 -20.58
N GLU A 639 22.00 3.49 -20.23
CA GLU A 639 22.82 2.27 -20.24
C GLU A 639 22.36 1.23 -19.21
N SER A 640 21.95 1.69 -18.03
CA SER A 640 21.28 0.85 -17.02
C SER A 640 20.32 1.66 -16.15
N PHE A 641 19.42 0.93 -15.47
CA PHE A 641 18.45 1.50 -14.53
C PHE A 641 18.01 0.49 -13.48
N ARG A 642 17.72 0.98 -12.27
CA ARG A 642 17.23 0.14 -11.18
C ARG A 642 15.77 -0.23 -11.43
N VAL A 643 15.42 -1.49 -11.17
CA VAL A 643 14.08 -2.01 -11.45
C VAL A 643 13.14 -1.44 -10.34
N PRO A 644 12.05 -0.73 -10.73
CA PRO A 644 11.14 -0.12 -9.72
C PRO A 644 10.53 -1.07 -8.68
N TYR A 645 10.01 -2.22 -9.12
CA TYR A 645 9.45 -3.23 -8.20
C TYR A 645 10.48 -3.95 -7.31
N ASP A 646 11.75 -3.95 -7.71
CA ASP A 646 12.84 -4.63 -7.00
C ASP A 646 14.17 -3.84 -7.16
N PRO A 647 14.42 -2.83 -6.29
CA PRO A 647 15.58 -1.94 -6.50
C PRO A 647 16.99 -2.56 -6.40
N GLY A 648 17.12 -3.78 -5.90
CA GLY A 648 18.37 -4.55 -5.96
C GLY A 648 18.86 -4.86 -7.36
N LEU A 649 17.94 -5.25 -8.25
CA LEU A 649 18.25 -5.53 -9.67
C LEU A 649 18.56 -4.26 -10.45
N LYS A 650 19.62 -4.32 -11.28
CA LYS A 650 19.92 -3.33 -12.31
C LYS A 650 19.64 -3.94 -13.68
N ALA A 651 18.58 -3.48 -14.34
CA ALA A 651 18.28 -3.85 -15.73
C ALA A 651 19.09 -2.97 -16.67
N GLY A 652 19.77 -3.60 -17.64
CA GLY A 652 20.58 -2.91 -18.64
C GLY A 652 19.83 -2.65 -19.94
N ALA A 653 20.38 -3.14 -21.04
CA ALA A 653 19.81 -2.92 -22.39
C ALA A 653 18.74 -3.96 -22.73
N LEU A 654 17.86 -3.58 -23.66
CA LEU A 654 16.77 -4.45 -24.11
C LEU A 654 17.25 -5.62 -24.97
N ALA A 655 16.79 -6.83 -24.64
CA ALA A 655 16.90 -8.00 -25.53
C ALA A 655 15.68 -7.97 -26.47
N ILE A 656 15.85 -7.26 -27.59
CA ILE A 656 14.73 -6.88 -28.48
C ILE A 656 14.15 -8.08 -29.27
N GLU A 657 14.96 -9.11 -29.53
CA GLU A 657 14.47 -10.41 -30.06
C GLU A 657 13.47 -11.09 -29.12
N LYS A 658 13.79 -11.11 -27.82
CA LYS A 658 12.89 -11.63 -26.78
C LYS A 658 11.63 -10.77 -26.50
N CYS A 659 11.69 -9.47 -26.80
CA CYS A 659 10.56 -8.55 -26.60
C CYS A 659 9.38 -8.85 -27.55
N LYS A 660 8.17 -8.65 -27.02
CA LYS A 660 6.91 -8.87 -27.76
C LYS A 660 5.74 -8.12 -27.11
N VAL A 661 4.61 -8.12 -27.80
CA VAL A 661 3.33 -7.63 -27.25
C VAL A 661 2.54 -8.87 -26.79
N MET A 662 1.92 -8.77 -25.61
CA MET A 662 1.12 -9.85 -25.04
C MET A 662 -0.24 -9.93 -25.72
N ALA A 663 -0.64 -11.16 -26.08
CA ALA A 663 -1.89 -11.41 -26.81
C ALA A 663 -3.09 -11.36 -25.87
N SER A 664 -3.57 -10.13 -25.62
CA SER A 664 -4.80 -9.88 -24.86
C SER A 664 -5.51 -8.60 -25.36
N LYS A 665 -6.67 -8.31 -24.76
CA LYS A 665 -7.45 -7.10 -25.06
C LYS A 665 -6.73 -5.82 -24.60
N LYS A 666 -6.24 -5.85 -23.37
CA LYS A 666 -5.42 -4.76 -22.79
C LYS A 666 -4.06 -4.52 -23.49
N LYS A 667 -3.46 -5.60 -24.02
CA LYS A 667 -2.17 -5.57 -24.75
C LYS A 667 -0.98 -5.00 -23.93
N PRO A 668 -0.62 -5.68 -22.81
CA PRO A 668 0.60 -5.26 -22.09
C PRO A 668 1.90 -5.60 -22.83
N LEU A 669 2.98 -4.92 -22.46
CA LEU A 669 4.29 -5.03 -23.13
C LEU A 669 5.18 -6.05 -22.42
N TRP A 670 5.42 -7.19 -23.06
CA TRP A 670 6.41 -8.18 -22.61
C TRP A 670 7.79 -7.64 -23.00
N LEU A 671 8.41 -6.92 -22.07
CA LEU A 671 9.79 -6.42 -22.21
C LEU A 671 10.75 -7.40 -21.55
N GLU A 672 12.01 -7.39 -22.00
CA GLU A 672 13.04 -8.30 -21.49
C GLU A 672 14.44 -7.65 -21.60
N PHE A 673 15.06 -7.41 -20.44
CA PHE A 673 16.31 -6.66 -20.31
C PHE A 673 17.49 -7.57 -19.98
N LYS A 674 18.69 -7.14 -20.39
CA LYS A 674 19.95 -7.79 -20.02
C LYS A 674 20.37 -7.34 -18.63
N CYS A 675 21.02 -8.23 -17.88
CA CYS A 675 21.49 -7.93 -16.52
C CYS A 675 22.75 -7.04 -16.60
N ALA A 676 22.63 -5.79 -16.14
CA ALA A 676 23.71 -4.78 -16.27
C ALA A 676 24.91 -5.05 -15.37
N ASP A 677 24.64 -5.39 -14.11
CA ASP A 677 25.69 -5.70 -13.13
C ASP A 677 26.34 -7.05 -13.48
N PRO A 678 27.70 -7.09 -13.64
CA PRO A 678 28.36 -8.40 -13.84
C PRO A 678 28.42 -9.27 -12.56
N THR A 679 29.10 -10.41 -12.67
CA THR A 679 29.24 -11.40 -11.59
C THR A 679 27.90 -12.04 -11.13
N ALA A 680 26.97 -12.19 -12.08
CA ALA A 680 25.68 -12.86 -11.83
C ALA A 680 25.87 -14.39 -11.81
N LEU A 681 24.85 -15.08 -11.29
CA LEU A 681 24.86 -16.55 -11.19
C LEU A 681 24.68 -17.20 -12.57
N SER A 682 23.60 -16.80 -13.25
CA SER A 682 23.25 -17.26 -14.60
C SER A 682 23.24 -16.11 -15.62
N ASN A 683 23.05 -16.47 -16.89
CA ASN A 683 22.84 -15.52 -18.00
C ASN A 683 21.34 -15.36 -18.36
N GLU A 684 20.45 -15.44 -17.36
CA GLU A 684 19.01 -15.30 -17.55
C GLU A 684 18.67 -13.81 -17.61
N THR A 685 17.84 -13.43 -18.58
CA THR A 685 17.38 -12.05 -18.76
C THR A 685 16.38 -11.64 -17.68
N ILE A 686 16.34 -10.34 -17.39
CA ILE A 686 15.38 -9.75 -16.45
C ILE A 686 14.11 -9.45 -17.24
N GLY A 687 13.07 -10.27 -17.05
CA GLY A 687 11.78 -10.09 -17.72
C GLY A 687 10.87 -9.14 -16.94
N ILE A 688 10.24 -8.20 -17.67
CA ILE A 688 9.35 -7.18 -17.09
C ILE A 688 8.11 -7.02 -17.99
N ILE A 689 6.91 -7.24 -17.42
CA ILE A 689 5.64 -6.87 -18.09
C ILE A 689 5.37 -5.39 -17.74
N PHE A 690 5.18 -4.57 -18.77
CA PHE A 690 4.83 -3.15 -18.62
C PHE A 690 3.36 -2.95 -18.97
N LYS A 691 2.52 -2.91 -17.93
CA LYS A 691 1.07 -2.71 -18.08
C LYS A 691 0.72 -1.24 -18.37
N HIS A 692 -0.36 -1.04 -19.12
CA HIS A 692 -0.90 0.29 -19.44
C HIS A 692 -2.40 0.23 -19.74
N GLY A 693 -3.10 1.34 -19.49
CA GLY A 693 -4.53 1.49 -19.81
C GLY A 693 -5.45 1.45 -18.60
N ASP A 694 -5.30 0.42 -17.76
CA ASP A 694 -6.13 0.25 -16.56
C ASP A 694 -5.60 1.05 -15.36
N ASP A 695 -6.51 1.34 -14.42
CA ASP A 695 -6.20 2.03 -13.17
C ASP A 695 -5.78 0.98 -12.13
N LEU A 696 -4.50 0.98 -11.78
CA LEU A 696 -3.91 -0.05 -10.90
C LEU A 696 -4.01 0.20 -9.39
N ARG A 697 -4.47 1.39 -8.97
CA ARG A 697 -4.51 1.79 -7.54
C ARG A 697 -5.23 0.80 -6.61
N GLN A 698 -6.42 0.37 -7.05
CA GLN A 698 -7.24 -0.64 -6.33
C GLN A 698 -6.50 -1.97 -6.20
N ASP A 699 -5.95 -2.45 -7.32
CA ASP A 699 -5.21 -3.71 -7.37
C ASP A 699 -3.86 -3.69 -6.64
N MET A 700 -3.18 -2.53 -6.61
CA MET A 700 -1.93 -2.37 -5.81
C MET A 700 -2.14 -2.59 -4.30
N LEU A 701 -3.27 -2.11 -3.78
CA LEU A 701 -3.64 -2.29 -2.38
C LEU A 701 -4.11 -3.71 -2.03
N ILE A 702 -4.74 -4.40 -2.99
CA ILE A 702 -5.08 -5.84 -2.85
C ILE A 702 -3.80 -6.67 -2.71
N LEU A 703 -2.84 -6.42 -3.61
CA LEU A 703 -1.50 -7.06 -3.57
C LEU A 703 -0.74 -6.86 -2.25
N GLN A 704 -0.78 -5.65 -1.70
CA GLN A 704 -0.05 -5.33 -0.45
C GLN A 704 -0.65 -6.01 0.79
N ILE A 705 -1.98 -6.21 0.80
CA ILE A 705 -2.66 -7.03 1.81
C ILE A 705 -2.23 -8.51 1.70
N LEU A 706 -2.15 -9.04 0.48
CA LEU A 706 -1.64 -10.41 0.25
C LEU A 706 -0.21 -10.62 0.74
N ARG A 707 0.64 -9.60 0.58
CA ARG A 707 1.99 -9.59 1.18
C ARG A 707 1.97 -9.52 2.72
N ILE A 708 1.02 -8.79 3.30
CA ILE A 708 0.77 -8.78 4.76
C ILE A 708 0.25 -10.14 5.27
N MET A 709 -0.61 -10.80 4.49
CA MET A 709 -1.09 -12.16 4.81
C MET A 709 0.04 -13.21 4.89
N GLU A 710 1.04 -13.09 4.01
CA GLU A 710 2.24 -13.95 4.04
C GLU A 710 3.05 -13.79 5.34
N SER A 711 3.31 -12.54 5.70
CA SER A 711 4.02 -12.20 6.95
C SER A 711 3.29 -12.65 8.23
N ILE A 712 1.96 -12.68 8.19
CA ILE A 712 1.14 -13.33 9.25
C ILE A 712 1.42 -14.85 9.28
N TRP A 713 1.41 -15.49 8.12
CA TRP A 713 1.71 -16.93 8.00
C TRP A 713 3.18 -17.32 8.29
N GLU A 714 4.11 -16.37 8.17
CA GLU A 714 5.50 -16.58 8.61
C GLU A 714 5.62 -16.64 10.13
N THR A 715 4.97 -15.72 10.83
CA THR A 715 5.02 -15.64 12.31
C THR A 715 4.41 -16.86 13.06
N GLU A 716 3.46 -17.56 12.42
CA GLU A 716 2.90 -18.83 12.93
C GLU A 716 3.40 -20.11 12.21
N SER A 717 4.54 -20.01 11.50
CA SER A 717 5.19 -21.13 10.79
C SER A 717 4.32 -21.87 9.77
N LEU A 718 4.01 -21.17 8.67
CA LEU A 718 3.26 -21.72 7.53
C LEU A 718 3.85 -21.16 6.24
N ASP A 719 4.43 -22.05 5.42
CA ASP A 719 5.12 -21.68 4.17
C ASP A 719 4.18 -21.90 2.97
N LEU A 720 3.28 -20.93 2.77
CA LEU A 720 2.34 -20.93 1.64
C LEU A 720 2.96 -20.20 0.46
N CYS A 721 3.36 -18.96 0.69
CA CYS A 721 4.08 -18.11 -0.28
C CYS A 721 3.31 -17.87 -1.59
N LEU A 722 2.11 -17.33 -1.44
CA LEU A 722 1.31 -16.79 -2.57
C LEU A 722 1.98 -15.53 -3.13
N LEU A 723 1.67 -15.20 -4.39
CA LEU A 723 2.13 -13.96 -5.05
C LEU A 723 3.69 -13.90 -5.16
N PRO A 724 4.30 -14.72 -6.05
CA PRO A 724 5.75 -14.78 -6.22
C PRO A 724 6.24 -13.89 -7.38
N TYR A 725 5.90 -12.60 -7.34
CA TYR A 725 6.31 -11.63 -8.36
C TYR A 725 6.20 -10.18 -7.86
N GLY A 726 7.18 -9.36 -8.19
CA GLY A 726 7.15 -7.92 -7.92
C GLY A 726 6.18 -7.21 -8.84
N CYS A 727 5.55 -6.16 -8.32
CA CYS A 727 4.56 -5.36 -9.05
C CYS A 727 4.50 -3.96 -8.44
N ILE A 728 4.41 -2.93 -9.28
CA ILE A 728 4.42 -1.54 -8.83
C ILE A 728 3.83 -0.56 -9.85
N SER A 729 3.09 0.44 -9.36
CA SER A 729 2.49 1.48 -10.19
C SER A 729 3.53 2.59 -10.40
N THR A 730 3.76 2.94 -11.66
CA THR A 730 4.79 3.91 -12.09
C THR A 730 4.26 5.29 -12.50
N GLY A 731 2.96 5.40 -12.84
CA GLY A 731 2.36 6.68 -13.22
C GLY A 731 0.87 6.63 -13.47
N ASP A 732 0.38 7.49 -14.37
CA ASP A 732 -1.04 7.58 -14.71
C ASP A 732 -1.47 6.39 -15.58
N LYS A 733 -2.28 5.50 -14.98
CA LYS A 733 -2.88 4.33 -15.66
C LYS A 733 -1.85 3.30 -16.19
N ILE A 734 -0.65 3.28 -15.59
CA ILE A 734 0.48 2.44 -16.04
C ILE A 734 1.20 1.78 -14.86
N GLY A 735 1.95 0.72 -15.17
CA GLY A 735 2.67 -0.06 -14.16
C GLY A 735 3.70 -1.02 -14.72
N MET A 736 4.52 -1.55 -13.81
CA MET A 736 5.67 -2.39 -14.12
C MET A 736 5.62 -3.64 -13.22
N ILE A 737 5.67 -4.81 -13.84
CA ILE A 737 5.42 -6.11 -13.19
C ILE A 737 6.54 -7.11 -13.55
N GLU A 738 6.95 -7.93 -12.59
CA GLU A 738 7.98 -8.98 -12.78
C GLU A 738 7.42 -10.13 -13.60
N ILE A 739 8.21 -10.64 -14.56
CA ILE A 739 7.92 -11.90 -15.27
C ILE A 739 8.55 -13.04 -14.45
N VAL A 740 7.74 -14.08 -14.18
CA VAL A 740 8.21 -15.32 -13.57
C VAL A 740 8.58 -16.26 -14.72
N LYS A 741 9.86 -16.63 -14.80
CA LYS A 741 10.35 -17.65 -15.76
C LYS A 741 9.82 -19.04 -15.37
N ASP A 742 9.55 -19.87 -16.38
CA ASP A 742 8.99 -21.21 -16.24
C ASP A 742 7.60 -21.19 -15.57
N ALA A 743 6.65 -20.52 -16.23
CA ALA A 743 5.28 -20.37 -15.73
C ALA A 743 4.28 -20.06 -16.86
N THR A 744 3.09 -20.66 -16.78
CA THR A 744 2.00 -20.48 -17.78
C THR A 744 0.62 -20.46 -17.12
N THR A 745 -0.36 -19.96 -17.89
CA THR A 745 -1.76 -19.92 -17.47
C THR A 745 -2.35 -21.33 -17.60
N ILE A 746 -3.21 -21.71 -16.65
CA ILE A 746 -3.86 -23.05 -16.68
C ILE A 746 -4.91 -23.20 -17.81
N ALA A 747 -5.42 -22.09 -18.34
CA ALA A 747 -6.25 -22.10 -19.57
C ALA A 747 -5.47 -22.57 -20.82
N LYS A 748 -4.19 -22.19 -20.90
CA LYS A 748 -3.25 -22.73 -21.90
C LYS A 748 -2.97 -24.22 -21.68
N ILE A 749 -2.78 -24.63 -20.41
CA ILE A 749 -2.53 -26.03 -20.03
C ILE A 749 -3.74 -26.93 -20.30
N GLN A 750 -4.96 -26.44 -19.99
CA GLN A 750 -6.21 -27.21 -20.15
C GLN A 750 -6.49 -27.61 -21.60
N GLN A 751 -6.46 -26.62 -22.50
CA GLN A 751 -6.62 -26.84 -23.94
C GLN A 751 -5.23 -26.95 -24.59
N SER A 752 -4.70 -28.17 -24.58
CA SER A 752 -3.40 -28.49 -25.21
C SER A 752 -3.27 -29.99 -25.44
N THR A 757 -16.12 -26.12 -27.49
CA THR A 757 -14.98 -25.22 -27.46
C THR A 757 -14.34 -25.07 -26.06
N GLY A 758 -15.19 -24.92 -25.03
CA GLY A 758 -14.75 -24.74 -23.63
C GLY A 758 -14.85 -26.01 -22.82
N ALA A 759 -14.22 -27.08 -23.33
CA ALA A 759 -14.27 -28.43 -22.75
C ALA A 759 -13.06 -28.64 -21.84
N PHE A 760 -13.30 -28.83 -20.54
CA PHE A 760 -12.24 -29.04 -19.54
C PHE A 760 -11.86 -30.51 -19.37
N LYS A 761 -10.70 -30.73 -18.74
CA LYS A 761 -10.15 -32.06 -18.45
C LYS A 761 -9.57 -32.11 -17.03
N ASP A 762 -9.83 -33.21 -16.33
CA ASP A 762 -9.36 -33.40 -14.94
C ASP A 762 -7.87 -33.76 -14.89
N GLU A 763 -7.48 -34.73 -15.71
CA GLU A 763 -6.10 -35.29 -15.69
C GLU A 763 -4.99 -34.37 -16.22
N VAL A 764 -5.33 -33.43 -17.11
CA VAL A 764 -4.37 -32.65 -17.90
C VAL A 764 -3.36 -31.78 -17.09
N LEU A 765 -3.83 -31.20 -15.98
CA LEU A 765 -2.99 -30.37 -15.10
C LEU A 765 -1.90 -31.15 -14.36
N ASN A 766 -2.24 -32.36 -13.92
CA ASN A 766 -1.27 -33.27 -13.27
C ASN A 766 -0.23 -33.81 -14.26
N HIS A 767 -0.68 -34.17 -15.47
CA HIS A 767 0.21 -34.55 -16.59
C HIS A 767 1.18 -33.43 -17.01
N TRP A 768 0.74 -32.17 -16.89
CA TRP A 768 1.61 -31.00 -17.10
C TRP A 768 2.74 -30.91 -16.05
N LEU A 769 2.42 -31.17 -14.79
CA LEU A 769 3.44 -31.25 -13.71
C LEU A 769 4.39 -32.44 -13.86
N LYS A 770 3.87 -33.60 -14.27
CA LYS A 770 4.68 -34.77 -14.64
C LYS A 770 5.70 -34.50 -15.77
N GLU A 771 5.31 -33.68 -16.75
CA GLU A 771 6.15 -33.37 -17.90
C GLU A 771 7.35 -32.47 -17.56
N LYS A 772 7.07 -31.37 -16.86
CA LYS A 772 8.07 -30.33 -16.59
C LYS A 772 9.06 -30.68 -15.47
N SER A 773 8.58 -31.33 -14.39
CA SER A 773 9.43 -31.89 -13.34
C SER A 773 9.77 -33.35 -13.68
N PRO A 774 11.06 -33.68 -13.97
CA PRO A 774 11.41 -35.03 -14.43
C PRO A 774 11.35 -36.13 -13.36
N THR A 775 12.01 -35.89 -12.22
CA THR A 775 12.10 -36.88 -11.13
C THR A 775 10.84 -36.90 -10.25
N GLU A 776 10.68 -37.99 -9.51
CA GLU A 776 9.53 -38.15 -8.59
C GLU A 776 9.63 -37.25 -7.35
N GLU A 777 10.84 -37.02 -6.85
CA GLU A 777 11.09 -36.09 -5.73
C GLU A 777 10.73 -34.64 -6.08
N LYS A 778 11.12 -34.20 -7.28
CA LYS A 778 10.71 -32.89 -7.83
C LYS A 778 9.21 -32.80 -8.13
N PHE A 779 8.61 -33.92 -8.56
CA PHE A 779 7.16 -34.01 -8.78
C PHE A 779 6.38 -33.87 -7.46
N GLN A 780 6.72 -34.71 -6.48
CA GLN A 780 6.09 -34.66 -5.14
C GLN A 780 6.35 -33.35 -4.37
N ALA A 781 7.50 -32.72 -4.62
CA ALA A 781 7.77 -31.35 -4.17
C ALA A 781 6.82 -30.34 -4.82
N ALA A 782 6.60 -30.48 -6.13
CA ALA A 782 5.64 -29.64 -6.87
C ALA A 782 4.17 -29.89 -6.51
N VAL A 783 3.81 -31.15 -6.22
CA VAL A 783 2.48 -31.50 -5.67
C VAL A 783 2.30 -30.90 -4.26
N GLU A 784 3.35 -30.95 -3.43
CA GLU A 784 3.34 -30.34 -2.08
C GLU A 784 3.23 -28.81 -2.15
N ARG A 785 4.07 -28.20 -2.99
CA ARG A 785 4.05 -26.74 -3.26
C ARG A 785 2.72 -26.24 -3.86
N PHE A 786 2.08 -27.08 -4.68
CA PHE A 786 0.71 -26.84 -5.17
C PHE A 786 -0.33 -26.85 -4.06
N VAL A 787 -0.22 -27.81 -3.13
CA VAL A 787 -1.15 -27.93 -1.97
C VAL A 787 -1.03 -26.71 -1.02
N TYR A 788 0.20 -26.29 -0.73
CA TYR A 788 0.46 -25.09 0.11
C TYR A 788 -0.03 -23.79 -0.53
N SER A 789 0.30 -23.59 -1.81
CA SER A 789 -0.06 -22.37 -2.55
C SER A 789 -1.56 -22.24 -2.82
N CYS A 790 -2.18 -23.33 -3.28
CA CYS A 790 -3.64 -23.40 -3.49
C CYS A 790 -4.44 -23.13 -2.23
N ALA A 791 -4.00 -23.69 -1.10
CA ALA A 791 -4.59 -23.42 0.23
C ALA A 791 -4.47 -21.95 0.65
N GLY A 792 -3.33 -21.34 0.34
CA GLY A 792 -3.13 -19.89 0.51
C GLY A 792 -4.09 -19.03 -0.27
N TYR A 793 -4.25 -19.33 -1.55
CA TYR A 793 -5.19 -18.60 -2.43
C TYR A 793 -6.66 -18.86 -2.12
N CYS A 794 -7.02 -20.08 -1.72
CA CYS A 794 -8.38 -20.39 -1.26
C CYS A 794 -8.78 -19.61 0.00
N VAL A 795 -7.87 -19.52 0.96
CA VAL A 795 -8.06 -18.73 2.19
C VAL A 795 -8.09 -17.22 1.89
N ALA A 796 -7.05 -16.73 1.21
CA ALA A 796 -6.85 -15.29 0.95
C ALA A 796 -7.95 -14.63 0.13
N THR A 797 -8.38 -15.27 -0.95
CA THR A 797 -9.45 -14.77 -1.82
C THR A 797 -10.85 -14.83 -1.17
N PHE A 798 -11.08 -15.84 -0.33
CA PHE A 798 -12.31 -15.95 0.48
C PHE A 798 -12.50 -14.79 1.46
N VAL A 799 -11.42 -14.39 2.13
CA VAL A 799 -11.42 -13.26 3.08
C VAL A 799 -11.72 -11.96 2.32
N LEU A 800 -10.94 -11.70 1.27
CA LEU A 800 -11.08 -10.51 0.42
C LEU A 800 -12.33 -10.48 -0.48
N GLY A 801 -12.96 -11.64 -0.69
CA GLY A 801 -14.20 -11.74 -1.48
C GLY A 801 -13.98 -11.63 -2.97
N ILE A 802 -12.91 -12.28 -3.45
CA ILE A 802 -12.48 -12.23 -4.86
C ILE A 802 -12.10 -13.64 -5.37
N GLY A 803 -12.84 -14.65 -4.91
CA GLY A 803 -12.54 -16.07 -5.20
C GLY A 803 -13.18 -16.61 -6.47
N ASP A 804 -14.40 -16.14 -6.77
CA ASP A 804 -15.09 -16.50 -8.02
C ASP A 804 -14.34 -15.84 -9.19
N ARG A 805 -13.73 -16.67 -10.03
CA ARG A 805 -12.81 -16.23 -11.08
C ARG A 805 -12.66 -17.27 -12.19
N HIS A 806 -12.45 -16.78 -13.42
CA HIS A 806 -12.15 -17.62 -14.57
C HIS A 806 -10.67 -18.01 -14.58
N ASN A 807 -10.40 -19.22 -15.07
CA ASN A 807 -9.06 -19.82 -15.03
C ASN A 807 -7.99 -19.21 -15.97
N ASP A 808 -8.38 -18.35 -16.92
CA ASP A 808 -7.42 -17.65 -17.81
C ASP A 808 -6.44 -16.70 -17.08
N ASN A 809 -6.86 -16.14 -15.95
CA ASN A 809 -6.00 -15.29 -15.09
C ASN A 809 -5.50 -15.99 -13.80
N ILE A 810 -5.32 -17.32 -13.86
CA ILE A 810 -4.68 -18.11 -12.80
C ILE A 810 -3.53 -18.87 -13.46
N MET A 811 -2.35 -18.79 -12.85
CA MET A 811 -1.11 -19.33 -13.38
C MET A 811 -0.47 -20.31 -12.43
N ILE A 812 0.37 -21.19 -12.98
CA ILE A 812 1.13 -22.19 -12.21
C ILE A 812 2.56 -22.25 -12.76
N THR A 813 3.54 -22.26 -11.86
CA THR A 813 4.96 -22.43 -12.23
C THR A 813 5.26 -23.90 -12.51
N GLU A 814 6.38 -24.16 -13.20
CA GLU A 814 6.88 -25.53 -13.40
C GLU A 814 7.29 -26.23 -12.09
N THR A 815 7.69 -25.44 -11.09
CA THR A 815 7.97 -25.92 -9.72
C THR A 815 6.72 -26.18 -8.84
N GLY A 816 5.51 -25.99 -9.37
CA GLY A 816 4.24 -26.26 -8.66
C GLY A 816 3.57 -25.09 -7.98
N ASN A 817 4.21 -23.91 -7.96
CA ASN A 817 3.73 -22.74 -7.23
C ASN A 817 2.61 -22.03 -8.03
N LEU A 818 1.39 -22.12 -7.52
CA LEU A 818 0.20 -21.46 -8.10
C LEU A 818 0.21 -19.96 -7.80
N PHE A 819 -0.20 -19.13 -8.76
CA PHE A 819 -0.37 -17.67 -8.55
C PHE A 819 -1.40 -17.00 -9.46
N HIS A 820 -1.89 -15.84 -9.01
CA HIS A 820 -2.95 -15.07 -9.68
C HIS A 820 -2.38 -13.80 -10.31
N ILE A 821 -2.88 -13.46 -11.50
CA ILE A 821 -2.50 -12.25 -12.26
C ILE A 821 -3.66 -11.26 -12.50
N ASP A 822 -4.80 -11.43 -11.82
CA ASP A 822 -5.95 -10.53 -11.95
C ASP A 822 -6.85 -10.62 -10.72
N PHE A 823 -7.37 -9.47 -10.29
CA PHE A 823 -8.30 -9.36 -9.16
C PHE A 823 -9.56 -8.59 -9.59
N GLY A 824 -10.69 -8.90 -8.96
CA GLY A 824 -12.01 -8.42 -9.37
C GLY A 824 -12.23 -6.94 -9.12
N GLU A 839 -25.52 -19.58 -7.71
CA GLU A 839 -24.78 -19.49 -8.97
C GLU A 839 -23.36 -18.87 -8.79
N ARG A 840 -22.69 -19.27 -7.71
CA ARG A 840 -21.31 -18.81 -7.42
C ARG A 840 -20.57 -19.76 -6.47
N VAL A 841 -19.26 -19.59 -6.39
CA VAL A 841 -18.35 -20.42 -5.58
C VAL A 841 -17.44 -19.49 -4.73
N PRO A 842 -17.16 -19.83 -3.44
CA PRO A 842 -16.34 -18.92 -2.61
C PRO A 842 -14.85 -18.81 -3.00
N PHE A 843 -14.32 -19.85 -3.66
CA PHE A 843 -12.97 -19.82 -4.24
C PHE A 843 -12.79 -20.94 -5.28
N VAL A 844 -11.74 -20.83 -6.08
CA VAL A 844 -11.47 -21.81 -7.16
C VAL A 844 -10.81 -23.05 -6.54
N LEU A 845 -11.59 -24.13 -6.45
CA LEU A 845 -11.07 -25.47 -6.11
C LEU A 845 -11.76 -26.48 -7.03
N THR A 846 -11.40 -26.40 -8.31
CA THR A 846 -11.99 -27.21 -9.38
C THR A 846 -11.47 -28.67 -9.36
N PRO A 847 -12.16 -29.61 -10.08
CA PRO A 847 -11.72 -31.02 -10.17
C PRO A 847 -10.29 -31.28 -10.66
N ASP A 848 -9.76 -30.43 -11.54
CA ASP A 848 -8.36 -30.53 -12.00
C ASP A 848 -7.35 -30.26 -10.86
N PHE A 849 -7.67 -29.31 -9.97
CA PHE A 849 -6.87 -29.06 -8.75
C PHE A 849 -6.99 -30.21 -7.75
N LEU A 850 -8.22 -30.68 -7.56
CA LEU A 850 -8.53 -31.82 -6.68
C LEU A 850 -7.93 -33.16 -7.16
N PHE A 851 -7.84 -33.34 -8.47
CA PHE A 851 -7.15 -34.49 -9.09
C PHE A 851 -5.64 -34.52 -8.76
N VAL A 852 -4.98 -33.35 -8.80
CA VAL A 852 -3.54 -33.22 -8.46
C VAL A 852 -3.26 -33.67 -7.02
N MET A 853 -4.16 -33.32 -6.11
CA MET A 853 -4.15 -33.82 -4.72
C MET A 853 -4.40 -35.34 -4.70
N GLY A 854 -5.45 -35.76 -5.40
CA GLY A 854 -5.79 -37.19 -5.60
C GLY A 854 -7.16 -37.58 -5.11
N THR A 855 -8.18 -36.82 -5.50
CA THR A 855 -9.58 -37.06 -5.13
C THR A 855 -10.53 -36.58 -6.23
N SER A 856 -11.77 -37.09 -6.17
CA SER A 856 -12.79 -36.80 -7.18
C SER A 856 -14.19 -37.21 -6.70
N GLY A 857 -15.15 -36.28 -6.76
CA GLY A 857 -16.53 -36.53 -6.38
C GLY A 857 -16.76 -36.70 -4.89
N LYS A 858 -16.82 -37.95 -4.45
CA LYS A 858 -17.07 -38.33 -3.04
C LYS A 858 -15.97 -39.28 -2.55
N LYS A 859 -14.76 -38.72 -2.44
CA LYS A 859 -13.56 -39.43 -1.96
C LYS A 859 -12.67 -38.51 -1.11
N THR A 860 -11.60 -39.08 -0.55
CA THR A 860 -10.57 -38.35 0.21
C THR A 860 -9.15 -38.86 -0.10
N SER A 861 -8.13 -38.15 0.41
CA SER A 861 -6.71 -38.49 0.18
C SER A 861 -5.75 -37.83 1.20
N PRO A 862 -4.45 -38.28 1.24
CA PRO A 862 -3.44 -37.63 2.09
C PRO A 862 -3.17 -36.15 1.79
N HIS A 863 -3.04 -35.81 0.51
CA HIS A 863 -2.83 -34.41 0.08
C HIS A 863 -4.06 -33.51 0.29
N PHE A 864 -5.27 -34.05 0.04
CA PHE A 864 -6.53 -33.33 0.33
C PHE A 864 -6.76 -33.12 1.82
N GLN A 865 -6.42 -34.12 2.64
CA GLN A 865 -6.39 -33.98 4.11
C GLN A 865 -5.37 -32.95 4.58
N LYS A 866 -4.18 -32.95 3.96
CA LYS A 866 -3.13 -31.95 4.20
C LYS A 866 -3.55 -30.54 3.76
N PHE A 867 -4.20 -30.44 2.60
CA PHE A 867 -4.81 -29.19 2.08
C PHE A 867 -5.82 -28.58 3.06
N GLN A 868 -6.68 -29.42 3.63
CA GLN A 868 -7.64 -29.00 4.69
C GLN A 868 -6.93 -28.52 5.96
N ASP A 869 -5.93 -29.28 6.42
CA ASP A 869 -5.10 -28.91 7.58
C ASP A 869 -4.36 -27.57 7.38
N ILE A 870 -3.82 -27.35 6.19
CA ILE A 870 -3.16 -26.08 5.83
C ILE A 870 -4.19 -24.93 5.69
N CYS A 871 -5.33 -25.21 5.05
CA CYS A 871 -6.43 -24.23 4.91
C CYS A 871 -6.98 -23.72 6.24
N VAL A 872 -7.26 -24.64 7.18
CA VAL A 872 -7.76 -24.31 8.53
C VAL A 872 -6.73 -23.52 9.33
N LYS A 873 -5.48 -24.02 9.35
CA LYS A 873 -4.35 -23.34 10.00
C LYS A 873 -4.11 -21.93 9.46
N ALA A 874 -4.13 -21.79 8.14
CA ALA A 874 -4.00 -20.49 7.46
C ALA A 874 -5.18 -19.57 7.68
N TYR A 875 -6.40 -20.12 7.65
CA TYR A 875 -7.63 -19.35 7.91
C TYR A 875 -7.69 -18.84 9.35
N LEU A 876 -7.44 -19.74 10.30
CA LEU A 876 -7.32 -19.38 11.73
C LEU A 876 -6.17 -18.41 12.03
N ALA A 877 -5.04 -18.55 11.33
CA ALA A 877 -3.90 -17.61 11.43
C ALA A 877 -4.26 -16.17 11.08
N LEU A 878 -5.05 -16.00 10.02
CA LEU A 878 -5.60 -14.68 9.63
C LEU A 878 -6.63 -14.13 10.63
N ARG A 879 -7.43 -15.01 11.24
CA ARG A 879 -8.38 -14.60 12.30
C ARG A 879 -7.73 -14.02 13.57
N HIS A 880 -6.50 -14.44 13.87
CA HIS A 880 -5.69 -13.82 14.95
C HIS A 880 -5.28 -12.35 14.69
N HIS A 881 -5.34 -11.89 13.44
CA HIS A 881 -5.18 -10.49 13.05
C HIS A 881 -6.46 -9.98 12.33
N THR A 882 -7.62 -10.22 12.96
CA THR A 882 -8.93 -9.82 12.41
C THR A 882 -9.07 -8.29 12.26
N ASN A 883 -8.76 -7.58 13.34
CA ASN A 883 -8.83 -6.10 13.39
C ASN A 883 -7.88 -5.43 12.38
N LEU A 884 -6.66 -5.98 12.25
CA LEU A 884 -5.66 -5.49 11.26
C LEU A 884 -6.15 -5.65 9.81
N LEU A 885 -6.62 -6.85 9.47
CA LEU A 885 -7.16 -7.14 8.13
C LEU A 885 -8.43 -6.34 7.79
N ILE A 886 -9.31 -6.17 8.79
CA ILE A 886 -10.53 -5.34 8.67
C ILE A 886 -10.21 -3.89 8.25
N ILE A 887 -9.26 -3.27 8.94
CA ILE A 887 -8.89 -1.85 8.70
C ILE A 887 -8.11 -1.67 7.39
N LEU A 888 -7.24 -2.62 7.06
CA LEU A 888 -6.57 -2.63 5.74
C LEU A 888 -7.58 -2.78 4.59
N PHE A 889 -8.57 -3.64 4.79
CA PHE A 889 -9.70 -3.79 3.84
C PHE A 889 -10.57 -2.53 3.78
N SER A 890 -10.85 -1.92 4.93
CA SER A 890 -11.61 -0.67 5.02
C SER A 890 -10.91 0.50 4.35
N MET A 891 -9.63 0.68 4.67
CA MET A 891 -8.77 1.70 4.05
C MET A 891 -8.59 1.58 2.53
N MET A 892 -8.58 0.34 2.02
CA MET A 892 -8.47 0.07 0.57
C MET A 892 -9.64 0.64 -0.23
N LEU A 893 -10.86 0.32 0.20
CA LEU A 893 -12.08 0.73 -0.50
C LEU A 893 -12.33 2.25 -0.51
N MET A 894 -11.79 2.96 0.48
CA MET A 894 -11.84 4.44 0.55
C MET A 894 -10.73 5.09 -0.29
N THR A 895 -9.48 4.69 -0.05
CA THR A 895 -8.30 5.32 -0.69
C THR A 895 -8.06 4.87 -2.14
N GLY A 896 -8.21 3.57 -2.40
CA GLY A 896 -8.00 2.99 -3.73
C GLY A 896 -9.10 3.30 -4.73
N MET A 897 -10.32 2.87 -4.40
CA MET A 897 -11.49 3.01 -5.29
C MET A 897 -12.01 4.46 -5.26
N PRO A 898 -12.23 5.09 -6.44
CA PRO A 898 -12.78 6.45 -6.47
C PRO A 898 -14.28 6.50 -6.18
N THR A 901 -17.86 3.42 -2.98
CA THR A 901 -17.96 2.35 -1.97
C THR A 901 -19.11 2.58 -0.97
N SER A 902 -19.34 1.58 -0.11
CA SER A 902 -20.37 1.62 0.93
C SER A 902 -19.97 0.87 2.20
N LYS A 903 -20.80 1.02 3.24
CA LYS A 903 -20.65 0.29 4.52
C LYS A 903 -20.88 -1.23 4.35
N GLU A 904 -21.83 -1.59 3.50
CA GLU A 904 -22.18 -3.01 3.23
C GLU A 904 -21.08 -3.77 2.49
N ASP A 905 -20.39 -3.07 1.58
CA ASP A 905 -19.16 -3.59 0.92
C ASP A 905 -18.04 -3.93 1.92
N ILE A 906 -17.87 -3.08 2.94
CA ILE A 906 -16.89 -3.31 4.01
C ILE A 906 -17.31 -4.46 4.95
N GLU A 907 -18.62 -4.60 5.21
CA GLU A 907 -19.13 -5.64 6.13
C GLU A 907 -19.01 -7.13 5.69
N TYR A 908 -18.60 -7.39 4.44
CA TYR A 908 -18.33 -8.77 3.97
C TYR A 908 -17.19 -9.48 4.71
N ILE A 909 -16.06 -8.79 4.87
CA ILE A 909 -14.83 -9.36 5.50
C ILE A 909 -15.03 -9.88 6.95
N ARG A 910 -15.98 -9.26 7.68
CA ARG A 910 -16.40 -9.73 9.02
C ARG A 910 -17.05 -11.11 8.94
N ASP A 911 -17.98 -11.26 8.00
CA ASP A 911 -18.67 -12.54 7.74
C ASP A 911 -17.71 -13.60 7.17
N ALA A 912 -16.77 -13.17 6.33
CA ALA A 912 -15.69 -14.02 5.81
C ALA A 912 -14.71 -14.49 6.89
N LEU A 913 -14.34 -13.59 7.81
CA LEU A 913 -13.48 -13.93 8.97
C LEU A 913 -14.18 -14.65 10.13
N THR A 914 -15.52 -14.62 10.19
CA THR A 914 -16.33 -15.23 11.28
C THR A 914 -16.03 -14.64 12.66
N VAL A 915 -16.34 -13.35 12.82
CA VAL A 915 -15.94 -12.59 14.03
C VAL A 915 -16.83 -13.02 15.20
N GLY A 916 -16.22 -13.18 16.37
CA GLY A 916 -16.91 -13.62 17.58
C GLY A 916 -17.39 -15.07 17.54
N LYS A 917 -16.51 -15.96 17.07
CA LYS A 917 -16.77 -17.40 17.03
C LYS A 917 -15.47 -18.16 17.34
N ASN A 918 -15.57 -19.25 18.10
CA ASN A 918 -14.41 -20.08 18.45
C ASN A 918 -13.78 -20.81 17.25
N GLU A 919 -12.56 -21.31 17.45
CA GLU A 919 -11.78 -21.96 16.38
C GLU A 919 -12.41 -23.24 15.78
N GLU A 920 -13.23 -23.95 16.58
CA GLU A 920 -13.97 -25.12 16.10
C GLU A 920 -15.10 -24.75 15.11
N ASP A 921 -15.86 -23.70 15.44
CA ASP A 921 -16.90 -23.17 14.53
C ASP A 921 -16.32 -22.57 13.24
N ALA A 922 -15.18 -21.87 13.35
CA ALA A 922 -14.45 -21.32 12.19
C ALA A 922 -13.85 -22.42 11.29
N LYS A 923 -13.31 -23.47 11.91
CA LYS A 923 -12.85 -24.69 11.21
C LYS A 923 -14.00 -25.35 10.44
N LYS A 924 -15.13 -25.56 11.14
CA LYS A 924 -16.36 -26.09 10.54
C LYS A 924 -16.93 -25.21 9.42
N TYR A 925 -16.83 -23.90 9.58
CA TYR A 925 -17.28 -22.91 8.57
C TYR A 925 -16.47 -23.01 7.27
N PHE A 926 -15.15 -22.93 7.38
CA PHE A 926 -14.26 -22.98 6.20
C PHE A 926 -14.24 -24.34 5.51
N LEU A 927 -14.29 -25.43 6.28
CA LEU A 927 -14.41 -26.79 5.74
C LEU A 927 -15.71 -27.03 4.95
N ASP A 928 -16.81 -26.39 5.37
CA ASP A 928 -18.06 -26.37 4.59
C ASP A 928 -17.91 -25.64 3.25
N GLN A 929 -17.18 -24.53 3.24
CA GLN A 929 -16.91 -23.76 2.00
C GLN A 929 -16.02 -24.51 0.99
N ILE A 930 -15.14 -25.38 1.48
CA ILE A 930 -14.39 -26.34 0.64
C ILE A 930 -15.34 -27.33 -0.05
N GLU A 931 -16.31 -27.86 0.71
CA GLU A 931 -17.31 -28.80 0.18
C GLU A 931 -18.29 -28.18 -0.84
N VAL A 932 -18.54 -26.87 -0.74
CA VAL A 932 -19.33 -26.12 -1.76
C VAL A 932 -18.65 -26.15 -3.14
N CYS A 933 -17.33 -25.95 -3.17
CA CYS A 933 -16.52 -26.00 -4.40
C CYS A 933 -16.53 -27.38 -5.09
N ARG A 934 -16.46 -28.45 -4.30
CA ARG A 934 -16.42 -29.82 -4.82
C ARG A 934 -17.74 -30.30 -5.45
N ASP A 935 -18.87 -29.81 -4.95
CA ASP A 935 -20.20 -30.18 -5.47
C ASP A 935 -20.48 -29.65 -6.87
N LYS A 936 -20.25 -28.34 -7.05
CA LYS A 936 -20.47 -27.66 -8.34
C LYS A 936 -19.38 -28.01 -9.36
N GLY A 937 -18.13 -27.85 -8.96
CA GLY A 937 -16.98 -28.22 -9.78
C GLY A 937 -16.75 -27.30 -10.98
N TRP A 938 -17.11 -27.80 -12.16
CA TRP A 938 -16.92 -27.07 -13.44
C TRP A 938 -18.05 -26.09 -13.83
N THR A 939 -19.15 -26.04 -13.05
CA THR A 939 -20.33 -25.19 -13.35
C THR A 939 -20.01 -23.69 -13.45
N VAL A 940 -19.19 -23.19 -12.52
CA VAL A 940 -18.77 -21.78 -12.51
C VAL A 940 -17.80 -21.42 -13.64
N GLN A 941 -16.85 -22.31 -13.92
CA GLN A 941 -15.89 -22.13 -15.04
C GLN A 941 -16.56 -22.21 -16.41
N PHE A 942 -17.49 -23.16 -16.58
CA PHE A 942 -18.34 -23.27 -17.79
C PHE A 942 -19.26 -22.04 -17.98
N ASN A 943 -19.79 -21.50 -16.88
CA ASN A 943 -20.65 -20.29 -16.91
C ASN A 943 -19.96 -19.02 -17.42
N TRP A 944 -18.62 -18.96 -17.38
CA TRP A 944 -17.87 -17.89 -18.05
C TRP A 944 -17.98 -17.97 -19.58
N PHE A 945 -17.94 -19.18 -20.15
CA PHE A 945 -18.14 -19.38 -21.60
C PHE A 945 -19.59 -19.09 -22.07
N LEU A 946 -20.58 -19.35 -21.22
CA LEU A 946 -21.99 -18.95 -21.49
C LEU A 946 -22.15 -17.44 -21.45
N HIS A 947 -21.71 -16.84 -20.35
CA HIS A 947 -21.74 -15.37 -20.15
C HIS A 947 -20.82 -14.58 -21.10
N LEU A 948 -19.75 -15.20 -21.58
CA LEU A 948 -18.89 -14.67 -22.67
C LEU A 948 -19.69 -14.36 -23.94
N VAL A 949 -20.58 -15.29 -24.33
CA VAL A 949 -21.46 -15.11 -25.49
C VAL A 949 -22.67 -14.30 -25.03
C2 V81 B . -1.25 -8.59 -16.88
C5 V81 B . -0.61 -9.08 -15.58
C6 V81 B . 0.40 -10.04 -15.64
C7 V81 B . 1.02 -10.54 -14.46
C8 V81 B . 0.60 -10.03 -13.22
C12 V81 B . -2.85 -6.63 -11.63
C15 V81 B . -1.92 -5.63 -10.94
C16 V81 B . -2.31 -4.16 -10.84
C17 V81 B . -1.23 -4.60 -11.84
C18 V81 B . -2.04 -7.59 -13.84
C21 V81 B . 2.12 -11.56 -14.54
C23 V81 B . 4.11 -12.60 -13.70
C31 V81 B . 2.50 -14.50 -17.96
C32 V81 B . 1.19 -14.13 -18.10
C34 V81 B . -0.60 -14.32 -19.84
C36 V81 B . 2.84 -15.17 -19.16
F1 V81 B . -2.56 -9.09 -16.95
F3 V81 B . -1.31 -7.21 -16.88
F4 V81 B . -0.55 -8.96 -18.03
C9 V81 B . -0.40 -9.09 -13.15
C10 V81 B . -1.01 -8.41 -11.96
N11 V81 B . -2.03 -7.50 -12.48
C14 V81 B . -3.57 -7.45 -10.58
O19 V81 B . -2.78 -6.95 -14.56
C20 V81 B . -1.03 -8.59 -14.31
C22 V81 B . 3.14 -11.65 -13.54
N24 V81 B . 4.09 -13.40 -14.80
N25 V81 B . 4.95 -14.43 -15.20
C26 V81 B . 4.53 -14.94 -16.34
N27 V81 B . 5.22 -15.99 -16.96
C28 V81 B . 3.36 -14.25 -16.75
C29 V81 B . 3.11 -13.29 -15.76
N30 V81 B . 2.15 -12.37 -15.60
N33 V81 B . 0.75 -14.54 -19.30
N35 V81 B . 1.80 -15.18 -19.95
H2 V81 B . 0.71 -10.41 -16.60
H3 V81 B . 1.04 -10.39 -12.30
H1 V81 B . -3.58 -6.11 -12.25
H9 V81 B . -1.71 -5.85 -9.89
H11 V81 B . -2.03 -3.44 -10.08
H10 V81 B . -3.21 -3.68 -11.25
H12 V81 B . -1.33 -4.73 -12.92
H13 V81 B . -0.16 -4.48 -11.76
H15 V81 B . 4.89 -12.70 -12.96
H18 V81 B . 0.61 -13.59 -17.35
H20 V81 B . -1.33 -14.81 -19.21
H19 V81 B . -0.65 -14.73 -20.84
H21 V81 B . -0.81 -13.25 -19.87
H22 V81 B . 3.80 -15.61 -19.39
H4 V81 B . -0.25 -7.86 -11.41
H5 V81 B . -1.48 -9.15 -11.31
H8 V81 B . -2.84 -7.98 -9.96
H7 V81 B . -4.22 -8.18 -11.07
H6 V81 B . -4.18 -6.81 -9.96
H14 V81 B . 3.16 -11.00 -12.68
H17 V81 B . 6.02 -16.36 -16.54
H16 V81 B . 4.88 -16.36 -17.79
S SO4 C . -18.48 15.07 31.42
O1 SO4 C . -19.23 16.07 32.21
O2 SO4 C . -18.20 13.88 32.27
O3 SO4 C . -19.28 14.66 30.25
O4 SO4 C . -17.20 15.66 30.96
S SO4 D . 6.72 -3.82 -1.34
O1 SO4 D . 7.61 -2.96 -0.54
O2 SO4 D . 6.06 -4.81 -0.46
O3 SO4 D . 7.51 -4.52 -2.37
O4 SO4 D . 5.69 -2.98 -2.00
#